data_9NFM
#
_entry.id   9NFM
#
_cell.length_a   1.00
_cell.length_b   1.00
_cell.length_c   1.00
_cell.angle_alpha   90.00
_cell.angle_beta   90.00
_cell.angle_gamma   90.00
#
_symmetry.space_group_name_H-M   'P 1'
#
loop_
_entity.id
_entity.type
_entity.pdbx_description
1 polymer 'Permeability Glycoprotein (P-gp)'
2 non-polymer 1-chloranyl-4-[2,2,2-tris(chloranyl)-1-(4-chlorophenyl)ethyl]benzene
#
_entity_poly.entity_id   1
_entity_poly.type   'polypeptide(L)'
_entity_poly.pdbx_seq_one_letter_code
;MEGKEEMEMLANAKPHKNGGLREVKDEDDKKTGEKKKEKGAKLPMVGPLALFRFADGKDIVLIFMGTVMSVAHGAVLPLM
CIVFGDMTDSFIKDSMTSHIQITQITNPQFTFTYPQSTLQEDMQSFAIYYSIMGFVVLVAAYMQVSFWALAAGRQVRRIR
KLFFHRIMQQDIGWFDVNETGELNTRLTDDVYKIQEGIGDKVGMLIQAFSTFITSFIIGFVKGWKLTLVILAVSPALGIS
AAIFGKVLTNFTAKEQTAYAKAGAVAEEVLSAIRTVFAFSGQDREIKRYHKNLEDAKNMGIKKAISANIAMGFTFLMIYL
SYALAFWYGSILIMSKEYTIGTVLTVFFVVLIGAFTMGQTSPNIQSFASARGAAHKVYSIIDNQPCIDSYSDAGFKPDSI
KGNIEFRNIHFNYPSRPDVKILNNMSLSVKSGQTIALVGSSGCGKSTTIQLLQRFYDPQEGSVSIDTHDIRSLNVRYLRE
MIGVVSQEPILFATTIAENIKYGRPDVTQQEIEQAAKEANAYDFIMNLPDKFETLVGDRGTQMSGGQKQRIAIARALVRN
PKILLLDEATSALDAESETIVQAALDKVRLGRTTIVVAHRLSTIRNADVIAGFHKGDVIELGTHSQLMEKQGVYYTLVTM
QTFQQVEDGEESEYEQAEDEKSPSVKSFSQSSLYRRKSTRGSSFAGSEGEREEKEKLRDVTDRAEEDENVPPVSFLKVMR
LNLSEWPYMALGTFCAIINGMMQPLFAVIFSKIIAVFAEPNQEIVRQKSEFFSLMFAAIGGVTFVTMFLQGFCFGKSGEL
LTLKLRLGAFKSMMRQDLGWFDNPKNSVGALTTRLATDAAQVQGATGVRMATLAQNIANLGTSIIISFVYGWELTLLILS
VVPIMAVAGSVQMQLLAGHAAEDKKELEKAGKIATEAIENIRTVASLTREPKFESLYQENLHVPYKNSQKKAHVYGFTFS
FSQAMIYFAYAGCFRFGAWLIKEGRMDAEGVYLVISAVLFGAMAVGEANSFTPNYAKAKMSASHLMMLMNREPAIDNLSE
EGQSPDKFDGNVRFEGVKFNYPSRPEVPILRGLNLKVSKGETLALVGSSGCGKSTTIQLLERFYDPMHGKVELDGISAKQ
LNIHWLRSQIGIVSQEPVLFDCTLAENIAYGDNSRTVTLEEIQAAAKAANIHSFIENLPQGYDTQAGDKGTQLSGGQKQR
IAIARAILRNPKLLLLDEATSALDTESEKVVQEALDQASRGRTCIVVAHRLSTIQNADRIAVFQAGVVVEQGTHQQLLAK
KGIYSMLVNTQMGHERNCIDHHHHHH
;
_entity_poly.pdbx_strand_id   A
#
# COMPACT_ATOMS: atom_id res chain seq x y z
N LEU A 43 -1.07 6.45 20.28
CA LEU A 43 -2.11 7.38 19.87
C LEU A 43 -3.21 7.45 20.91
N PRO A 44 -3.88 8.61 21.01
CA PRO A 44 -4.96 8.75 21.98
C PRO A 44 -6.10 7.77 21.69
N MET A 45 -6.67 7.23 22.75
CA MET A 45 -7.78 6.29 22.64
C MET A 45 -8.78 6.59 23.76
N VAL A 46 -10.05 6.50 23.45
CA VAL A 46 -11.09 6.72 24.45
C VAL A 46 -11.51 5.39 25.04
N GLY A 47 -12.06 5.44 26.25
CA GLY A 47 -12.53 4.25 26.91
C GLY A 47 -13.88 3.81 26.41
N PRO A 48 -14.38 2.72 26.98
CA PRO A 48 -15.68 2.21 26.54
C PRO A 48 -16.80 3.22 26.70
N LEU A 49 -16.75 4.07 27.72
CA LEU A 49 -17.84 5.01 27.95
C LEU A 49 -18.03 5.93 26.77
N ALA A 50 -16.93 6.48 26.24
CA ALA A 50 -17.03 7.42 25.14
C ALA A 50 -17.33 6.72 23.81
N LEU A 51 -16.77 5.52 23.61
CA LEU A 51 -16.91 4.86 22.31
C LEU A 51 -18.38 4.64 21.95
N PHE A 52 -19.24 4.45 22.95
CA PHE A 52 -20.64 4.16 22.74
C PHE A 52 -21.53 5.37 23.03
N ARG A 53 -20.94 6.56 23.05
CA ARG A 53 -21.71 7.76 23.41
C ARG A 53 -22.92 7.94 22.51
N PHE A 54 -22.83 7.50 21.25
CA PHE A 54 -23.92 7.69 20.30
C PHE A 54 -24.85 6.49 20.22
N ALA A 55 -24.96 5.73 21.30
CA ALA A 55 -25.95 4.66 21.40
C ALA A 55 -27.19 5.21 22.10
N ASP A 56 -28.32 5.17 21.40
CA ASP A 56 -29.57 5.59 22.00
C ASP A 56 -30.13 4.44 22.84
N GLY A 57 -31.38 4.59 23.28
CA GLY A 57 -32.03 3.50 24.00
C GLY A 57 -32.17 2.26 23.13
N LYS A 58 -32.54 2.45 21.87
CA LYS A 58 -32.68 1.32 20.97
C LYS A 58 -31.35 0.61 20.77
N ASP A 59 -30.27 1.38 20.65
CA ASP A 59 -28.95 0.76 20.55
C ASP A 59 -28.54 0.10 21.86
N ILE A 60 -28.90 0.72 23.00
CA ILE A 60 -28.48 0.20 24.29
C ILE A 60 -29.13 -1.14 24.57
N VAL A 61 -30.41 -1.28 24.23
CA VAL A 61 -31.08 -2.57 24.46
C VAL A 61 -30.41 -3.66 23.64
N LEU A 62 -30.09 -3.37 22.38
CA LEU A 62 -29.41 -4.36 21.55
C LEU A 62 -28.04 -4.71 22.12
N ILE A 63 -27.31 -3.70 22.60
CA ILE A 63 -25.99 -3.96 23.17
C ILE A 63 -26.09 -4.85 24.40
N PHE A 64 -27.05 -4.55 25.28
CA PHE A 64 -27.24 -5.34 26.48
C PHE A 64 -27.58 -6.79 26.13
N MET A 65 -28.52 -6.97 25.21
CA MET A 65 -28.89 -8.32 24.82
C MET A 65 -27.71 -9.05 24.21
N GLY A 66 -26.96 -8.37 23.35
CA GLY A 66 -25.80 -9.00 22.75
C GLY A 66 -24.78 -9.43 23.77
N THR A 67 -24.50 -8.57 24.75
CA THR A 67 -23.53 -8.92 25.78
C THR A 67 -23.98 -10.14 26.56
N VAL A 68 -25.25 -10.16 26.99
CA VAL A 68 -25.72 -11.30 27.79
C VAL A 68 -25.70 -12.58 26.96
N MET A 69 -26.17 -12.52 25.72
CA MET A 69 -26.18 -13.69 24.86
C MET A 69 -24.77 -14.17 24.57
N SER A 70 -23.82 -13.25 24.39
CA SER A 70 -22.44 -13.63 24.13
C SER A 70 -21.83 -14.30 25.35
N VAL A 71 -22.16 -13.82 26.56
CA VAL A 71 -21.70 -14.48 27.76
C VAL A 71 -22.21 -15.92 27.81
N ALA A 72 -23.49 -16.11 27.50
CA ALA A 72 -24.03 -17.47 27.48
C ALA A 72 -23.31 -18.33 26.43
N HIS A 73 -23.07 -17.78 25.25
CA HIS A 73 -22.38 -18.52 24.21
C HIS A 73 -20.98 -18.93 24.67
N GLY A 74 -20.26 -18.01 25.29
CA GLY A 74 -18.95 -18.35 25.82
C GLY A 74 -19.01 -19.44 26.86
N ALA A 75 -20.03 -19.40 27.71
CA ALA A 75 -20.17 -20.43 28.74
C ALA A 75 -20.41 -21.80 28.12
N VAL A 76 -21.09 -21.85 26.97
CA VAL A 76 -21.55 -23.14 26.47
C VAL A 76 -20.40 -24.11 26.20
N LEU A 77 -19.26 -23.63 25.70
CA LEU A 77 -18.18 -24.55 25.33
C LEU A 77 -17.61 -25.30 26.52
N PRO A 78 -17.23 -24.66 27.62
CA PRO A 78 -16.76 -25.43 28.79
C PRO A 78 -17.78 -26.43 29.30
N LEU A 79 -19.07 -26.09 29.25
CA LEU A 79 -20.09 -27.08 29.58
C LEU A 79 -20.04 -28.25 28.61
N MET A 80 -19.80 -27.97 27.32
CA MET A 80 -19.59 -29.03 26.36
C MET A 80 -18.45 -29.94 26.80
N CYS A 81 -17.34 -29.36 27.26
CA CYS A 81 -16.22 -30.17 27.70
C CYS A 81 -16.61 -31.03 28.89
N ILE A 82 -17.38 -30.47 29.83
CA ILE A 82 -17.79 -31.24 30.99
C ILE A 82 -18.61 -32.45 30.57
N VAL A 83 -19.58 -32.24 29.67
CA VAL A 83 -20.39 -33.36 29.22
C VAL A 83 -19.57 -34.35 28.40
N PHE A 84 -18.54 -33.88 27.68
CA PHE A 84 -17.66 -34.79 26.95
C PHE A 84 -16.92 -35.71 27.92
N GLY A 85 -16.40 -35.14 29.00
CA GLY A 85 -15.74 -35.97 29.99
C GLY A 85 -16.69 -36.99 30.61
N ASP A 86 -17.91 -36.57 30.91
CA ASP A 86 -18.88 -37.52 31.46
C ASP A 86 -19.18 -38.63 30.46
N MET A 87 -19.30 -38.29 29.17
CA MET A 87 -19.54 -39.31 28.16
C MET A 87 -18.38 -40.29 28.07
N THR A 88 -17.15 -39.77 28.16
CA THR A 88 -15.99 -40.66 28.17
C THR A 88 -16.03 -41.59 29.37
N ASP A 89 -16.43 -41.07 30.53
CA ASP A 89 -16.56 -41.92 31.70
C ASP A 89 -17.59 -43.02 31.47
N SER A 90 -18.71 -42.68 30.84
CA SER A 90 -19.73 -43.69 30.56
C SER A 90 -19.21 -44.77 29.61
N PHE A 91 -18.50 -44.35 28.56
CA PHE A 91 -17.92 -45.32 27.64
C PHE A 91 -16.94 -46.24 28.37
N ILE A 92 -16.11 -45.67 29.23
CA ILE A 92 -15.14 -46.46 29.98
C ILE A 92 -15.87 -47.44 30.90
N LYS A 93 -16.96 -47.00 31.52
CA LYS A 93 -17.73 -47.89 32.38
C LYS A 93 -18.26 -49.07 31.59
N ASP A 94 -18.82 -48.82 30.41
CA ASP A 94 -19.33 -49.93 29.62
C ASP A 94 -18.21 -50.87 29.22
N SER A 95 -17.07 -50.31 28.76
CA SER A 95 -15.95 -51.16 28.38
C SER A 95 -15.42 -51.92 29.58
N MET A 96 -15.37 -51.27 30.75
CA MET A 96 -14.87 -51.93 31.95
C MET A 96 -15.72 -53.14 32.30
N THR A 97 -17.04 -53.02 32.17
CA THR A 97 -17.92 -54.12 32.54
C THR A 97 -17.60 -55.37 31.71
N SER A 98 -17.37 -55.19 30.41
CA SER A 98 -17.00 -56.30 29.54
C SER A 98 -15.49 -56.52 29.50
N HIS A 99 -14.78 -56.13 30.54
CA HIS A 99 -13.34 -56.34 30.61
C HIS A 99 -12.62 -55.56 29.52
N GLN A 116 -23.05 -52.45 30.63
CA GLN A 116 -24.37 -53.00 30.34
C GLN A 116 -25.11 -52.17 29.31
N SER A 117 -26.43 -52.29 29.32
CA SER A 117 -27.24 -51.43 28.47
C SER A 117 -27.21 -49.98 28.94
N THR A 118 -26.62 -49.72 30.10
CA THR A 118 -26.53 -48.35 30.60
C THR A 118 -25.82 -47.46 29.59
N LEU A 119 -24.98 -48.04 28.74
CA LEU A 119 -24.37 -47.25 27.67
C LEU A 119 -25.44 -46.66 26.76
N GLN A 120 -26.44 -47.45 26.39
CA GLN A 120 -27.46 -46.95 25.47
C GLN A 120 -28.19 -45.76 26.06
N GLU A 121 -28.72 -45.91 27.27
CA GLU A 121 -29.49 -44.82 27.88
C GLU A 121 -28.60 -43.64 28.24
N ASP A 122 -27.41 -43.91 28.77
CA ASP A 122 -26.52 -42.83 29.16
C ASP A 122 -26.10 -42.01 27.94
N MET A 123 -25.76 -42.70 26.85
CA MET A 123 -25.42 -42.01 25.62
C MET A 123 -26.62 -41.27 25.06
N GLN A 124 -27.82 -41.83 25.21
CA GLN A 124 -29.02 -41.13 24.77
C GLN A 124 -29.18 -39.81 25.52
N SER A 125 -29.01 -39.84 26.83
CA SER A 125 -29.14 -38.63 27.63
C SER A 125 -28.06 -37.61 27.26
N PHE A 126 -26.82 -38.08 27.14
CA PHE A 126 -25.75 -37.17 26.75
C PHE A 126 -25.97 -36.61 25.35
N ALA A 127 -26.62 -37.38 24.48
CA ALA A 127 -26.90 -36.91 23.13
C ALA A 127 -27.97 -35.84 23.12
N ILE A 128 -29.02 -36.02 23.93
CA ILE A 128 -30.02 -34.96 24.07
C ILE A 128 -29.35 -33.71 24.62
N TYR A 129 -28.46 -33.88 25.60
CA TYR A 129 -27.70 -32.75 26.13
C TYR A 129 -26.94 -32.05 25.02
N TYR A 130 -26.24 -32.83 24.21
CA TYR A 130 -25.45 -32.25 23.12
C TYR A 130 -26.34 -31.48 22.15
N SER A 131 -27.51 -32.03 21.84
CA SER A 131 -28.41 -31.34 20.93
C SER A 131 -28.90 -30.03 21.52
N ILE A 132 -29.20 -30.00 22.82
CA ILE A 132 -29.66 -28.75 23.41
C ILE A 132 -28.53 -27.73 23.47
N MET A 133 -27.29 -28.18 23.73
CA MET A 133 -26.18 -27.24 23.59
C MET A 133 -26.08 -26.73 22.17
N GLY A 134 -26.28 -27.59 21.18
CA GLY A 134 -26.24 -27.14 19.80
C GLY A 134 -27.28 -26.07 19.52
N PHE A 135 -28.51 -26.30 19.97
CA PHE A 135 -29.59 -25.34 19.72
C PHE A 135 -29.34 -24.02 20.44
N VAL A 136 -28.90 -24.09 21.70
CA VAL A 136 -28.65 -22.85 22.42
C VAL A 136 -27.50 -22.09 21.79
N VAL A 137 -26.45 -22.79 21.36
CA VAL A 137 -25.36 -22.07 20.72
C VAL A 137 -25.83 -21.48 19.39
N LEU A 138 -26.67 -22.21 18.64
CA LEU A 138 -27.17 -21.67 17.38
C LEU A 138 -27.93 -20.39 17.61
N VAL A 139 -28.96 -20.44 18.46
CA VAL A 139 -29.79 -19.27 18.69
C VAL A 139 -28.96 -18.15 19.30
N ALA A 140 -28.13 -18.47 20.31
CA ALA A 140 -27.39 -17.44 21.02
C ALA A 140 -26.35 -16.79 20.12
N ALA A 141 -25.63 -17.59 19.34
CA ALA A 141 -24.59 -17.02 18.48
C ALA A 141 -25.21 -16.19 17.37
N TYR A 142 -26.26 -16.69 16.73
CA TYR A 142 -26.91 -15.89 15.71
C TYR A 142 -27.45 -14.60 16.31
N MET A 143 -28.05 -14.67 17.49
CA MET A 143 -28.67 -13.48 18.01
C MET A 143 -27.61 -12.48 18.46
N GLN A 144 -26.49 -12.99 19.00
CA GLN A 144 -25.40 -12.11 19.41
C GLN A 144 -24.83 -11.38 18.22
N VAL A 145 -24.52 -12.12 17.15
CA VAL A 145 -23.97 -11.46 15.97
C VAL A 145 -24.98 -10.49 15.40
N SER A 146 -26.26 -10.86 15.33
CA SER A 146 -27.25 -9.96 14.77
C SER A 146 -27.39 -8.69 15.59
N PHE A 147 -27.50 -8.81 16.91
CA PHE A 147 -27.64 -7.62 17.74
C PHE A 147 -26.42 -6.72 17.63
N TRP A 148 -25.22 -7.31 17.72
CA TRP A 148 -24.02 -6.48 17.69
C TRP A 148 -23.89 -5.79 16.33
N ALA A 149 -24.21 -6.50 15.25
CA ALA A 149 -24.12 -5.90 13.93
C ALA A 149 -25.17 -4.81 13.74
N LEU A 150 -26.37 -5.02 14.27
CA LEU A 150 -27.41 -3.99 14.19
C LEU A 150 -27.02 -2.75 14.98
N ALA A 151 -26.43 -2.95 16.16
CA ALA A 151 -25.93 -1.82 16.93
C ALA A 151 -24.83 -1.10 16.18
N ALA A 152 -23.93 -1.85 15.55
CA ALA A 152 -22.88 -1.23 14.74
C ALA A 152 -23.49 -0.43 13.59
N GLY A 153 -24.50 -0.98 12.94
CA GLY A 153 -25.12 -0.27 11.83
C GLY A 153 -25.77 1.02 12.27
N ARG A 154 -26.54 0.96 13.36
CA ARG A 154 -27.20 2.18 13.85
C ARG A 154 -26.17 3.21 14.29
N GLN A 155 -25.17 2.77 15.04
CA GLN A 155 -24.12 3.68 15.49
C GLN A 155 -23.40 4.30 14.31
N VAL A 156 -23.07 3.50 13.29
CA VAL A 156 -22.33 4.00 12.14
C VAL A 156 -23.18 4.96 11.33
N ARG A 157 -24.47 4.66 11.18
CA ARG A 157 -25.36 5.57 10.48
C ARG A 157 -25.43 6.92 11.18
N ARG A 158 -25.68 6.90 12.49
CA ARG A 158 -25.75 8.15 13.23
C ARG A 158 -24.41 8.86 13.20
N ILE A 159 -23.32 8.10 13.23
CA ILE A 159 -21.99 8.69 13.21
C ILE A 159 -21.75 9.39 11.88
N ARG A 160 -22.12 8.76 10.77
CA ARG A 160 -21.95 9.41 9.48
C ARG A 160 -22.79 10.67 9.40
N LYS A 161 -24.06 10.58 9.80
CA LYS A 161 -24.94 11.74 9.77
C LYS A 161 -24.35 12.90 10.58
N LEU A 162 -24.00 12.63 11.84
CA LEU A 162 -23.47 13.66 12.71
C LEU A 162 -22.11 14.17 12.24
N PHE A 163 -21.26 13.29 11.73
CA PHE A 163 -19.94 13.70 11.27
C PHE A 163 -20.05 14.65 10.10
N PHE A 164 -20.86 14.29 9.09
CA PHE A 164 -21.02 15.20 7.97
C PHE A 164 -21.70 16.49 8.39
N HIS A 165 -22.71 16.39 9.25
CA HIS A 165 -23.38 17.58 9.75
C HIS A 165 -22.38 18.53 10.41
N ARG A 166 -21.52 17.99 11.27
CA ARG A 166 -20.54 18.82 11.95
C ARG A 166 -19.49 19.35 10.98
N ILE A 167 -19.03 18.52 10.06
CA ILE A 167 -18.04 18.98 9.09
C ILE A 167 -18.57 20.19 8.34
N MET A 168 -19.80 20.08 7.82
CA MET A 168 -20.39 21.20 7.11
C MET A 168 -20.55 22.39 8.05
N GLN A 169 -20.65 22.14 9.35
CA GLN A 169 -20.74 23.22 10.31
C GLN A 169 -19.41 23.91 10.56
N GLN A 170 -18.30 23.19 10.47
CA GLN A 170 -17.03 23.75 10.91
C GLN A 170 -16.73 25.04 10.16
N ASP A 171 -15.99 25.94 10.81
CA ASP A 171 -15.60 27.18 10.15
C ASP A 171 -14.73 26.87 8.94
N ILE A 172 -14.79 27.78 7.96
CA ILE A 172 -13.85 27.69 6.86
C ILE A 172 -12.42 27.85 7.38
N GLY A 173 -12.24 28.67 8.42
CA GLY A 173 -10.97 28.75 9.11
C GLY A 173 -10.54 27.45 9.74
N TRP A 174 -11.47 26.51 9.92
CA TRP A 174 -11.12 25.15 10.33
C TRP A 174 -10.97 24.21 9.16
N PHE A 175 -11.71 24.43 8.07
CA PHE A 175 -11.55 23.61 6.88
C PHE A 175 -10.16 23.76 6.28
N ASP A 176 -9.67 24.99 6.20
CA ASP A 176 -8.38 25.20 5.55
C ASP A 176 -7.25 24.49 6.32
N VAL A 177 -7.52 24.09 7.56
CA VAL A 177 -6.49 23.47 8.40
C VAL A 177 -6.29 21.99 8.09
N ASN A 178 -7.35 21.28 7.68
CA ASN A 178 -7.24 19.85 7.38
C ASN A 178 -7.78 19.52 5.99
N GLU A 179 -8.75 20.30 5.53
CA GLU A 179 -9.31 20.22 4.18
C GLU A 179 -9.62 18.78 3.76
N THR A 180 -9.63 18.52 2.45
CA THR A 180 -10.35 17.36 1.91
C THR A 180 -9.65 16.03 2.17
N GLY A 181 -8.33 15.96 2.02
CA GLY A 181 -7.68 14.66 2.14
C GLY A 181 -7.90 14.06 3.52
N GLU A 182 -7.66 14.86 4.56
CA GLU A 182 -7.84 14.37 5.92
C GLU A 182 -9.27 13.90 6.14
N LEU A 183 -10.25 14.70 5.70
CA LEU A 183 -11.64 14.39 6.00
C LEU A 183 -12.10 13.15 5.24
N ASN A 184 -11.75 13.03 3.97
CA ASN A 184 -12.17 11.84 3.21
C ASN A 184 -11.51 10.58 3.77
N THR A 185 -10.21 10.65 4.07
CA THR A 185 -9.56 9.53 4.75
C THR A 185 -10.31 9.18 6.03
N ARG A 186 -10.42 10.15 6.95
CA ARG A 186 -11.19 9.92 8.16
C ARG A 186 -12.48 9.20 7.87
N LEU A 187 -13.32 9.77 7.01
CA LEU A 187 -14.61 9.17 6.73
C LEU A 187 -14.43 7.69 6.43
N THR A 188 -13.76 7.37 5.32
CA THR A 188 -13.70 5.98 4.90
C THR A 188 -13.03 5.10 5.96
N ASP A 189 -11.75 5.34 6.23
CA ASP A 189 -10.98 4.47 7.10
C ASP A 189 -11.57 4.40 8.50
N ASP A 190 -11.81 5.56 9.13
CA ASP A 190 -12.23 5.57 10.52
C ASP A 190 -13.64 5.02 10.67
N VAL A 191 -14.55 5.28 9.73
CA VAL A 191 -15.85 4.64 9.83
C VAL A 191 -15.72 3.13 9.74
N TYR A 192 -14.88 2.64 8.82
CA TYR A 192 -14.59 1.21 8.81
C TYR A 192 -14.10 0.74 10.17
N LYS A 193 -13.13 1.45 10.75
CA LYS A 193 -12.53 1.03 12.01
C LYS A 193 -13.56 1.00 13.13
N ILE A 194 -14.39 2.02 13.23
CA ILE A 194 -15.39 2.10 14.28
C ILE A 194 -16.47 1.05 14.09
N GLN A 195 -16.88 0.82 12.84
CA GLN A 195 -17.84 -0.23 12.56
C GLN A 195 -17.29 -1.59 12.97
N GLU A 196 -16.02 -1.84 12.66
CA GLU A 196 -15.41 -3.12 12.99
C GLU A 196 -15.11 -3.24 14.48
N GLY A 197 -14.99 -2.12 15.18
CA GLY A 197 -14.75 -2.15 16.60
C GLY A 197 -15.96 -2.58 17.39
N ILE A 198 -17.03 -1.79 17.30
CA ILE A 198 -18.22 -2.02 18.11
C ILE A 198 -19.10 -3.08 17.46
N GLY A 199 -18.62 -3.70 16.38
CA GLY A 199 -19.40 -4.71 15.69
C GLY A 199 -19.33 -6.05 16.38
N ASP A 200 -19.17 -7.12 15.60
CA ASP A 200 -19.07 -8.45 16.15
C ASP A 200 -17.79 -8.66 16.96
N LYS A 201 -16.80 -7.78 16.81
CA LYS A 201 -15.50 -8.00 17.42
C LYS A 201 -15.58 -7.89 18.94
N VAL A 202 -16.29 -6.88 19.45
CA VAL A 202 -16.46 -6.79 20.89
C VAL A 202 -17.26 -7.98 21.42
N GLY A 203 -18.22 -8.46 20.63
CA GLY A 203 -18.94 -9.66 21.01
C GLY A 203 -18.02 -10.84 21.17
N MET A 204 -17.10 -11.03 20.22
CA MET A 204 -16.14 -12.12 20.32
C MET A 204 -15.23 -11.93 21.54
N LEU A 205 -14.84 -10.69 21.81
CA LEU A 205 -14.05 -10.41 23.01
C LEU A 205 -14.78 -10.85 24.27
N ILE A 206 -16.06 -10.49 24.39
CA ILE A 206 -16.84 -10.85 25.55
C ILE A 206 -16.96 -12.37 25.66
N GLN A 207 -17.19 -13.04 24.53
CA GLN A 207 -17.28 -14.49 24.53
C GLN A 207 -15.96 -15.11 24.98
N ALA A 208 -14.84 -14.53 24.56
CA ALA A 208 -13.54 -15.04 24.98
C ALA A 208 -13.39 -14.93 26.49
N PHE A 209 -13.74 -13.76 27.05
CA PHE A 209 -13.66 -13.59 28.49
C PHE A 209 -14.52 -14.62 29.21
N SER A 210 -15.75 -14.79 28.75
CA SER A 210 -16.66 -15.72 29.41
C SER A 210 -16.13 -17.14 29.34
N THR A 211 -15.68 -17.56 28.17
CA THR A 211 -15.17 -18.92 28.01
C THR A 211 -13.95 -19.14 28.89
N PHE A 212 -13.04 -18.17 28.95
CA PHE A 212 -11.84 -18.31 29.74
C PHE A 212 -12.16 -18.42 31.23
N ILE A 213 -12.99 -17.51 31.74
CA ILE A 213 -13.33 -17.53 33.16
C ILE A 213 -14.08 -18.81 33.51
N THR A 214 -15.06 -19.18 32.68
CA THR A 214 -15.85 -20.37 32.98
C THR A 214 -14.99 -21.63 32.91
N SER A 215 -14.10 -21.71 31.93
CA SER A 215 -13.21 -22.87 31.84
C SER A 215 -12.35 -22.97 33.09
N PHE A 216 -11.75 -21.85 33.51
CA PHE A 216 -10.88 -21.92 34.68
C PHE A 216 -11.69 -22.27 35.93
N ILE A 217 -12.87 -21.70 36.11
CA ILE A 217 -13.63 -22.00 37.32
C ILE A 217 -14.04 -23.46 37.35
N ILE A 218 -14.53 -24.01 36.23
CA ILE A 218 -14.93 -25.41 36.25
C ILE A 218 -13.71 -26.30 36.44
N GLY A 219 -12.59 -25.96 35.78
CA GLY A 219 -11.40 -26.77 35.93
C GLY A 219 -10.92 -26.81 37.36
N PHE A 220 -10.85 -25.65 38.01
CA PHE A 220 -10.45 -25.63 39.40
C PHE A 220 -11.42 -26.41 40.26
N VAL A 221 -12.71 -26.08 40.18
CA VAL A 221 -13.70 -26.70 41.03
C VAL A 221 -13.69 -28.21 40.89
N LYS A 222 -13.36 -28.72 39.71
CA LYS A 222 -13.33 -30.16 39.52
C LYS A 222 -12.01 -30.78 39.98
N GLY A 223 -10.88 -30.26 39.51
CA GLY A 223 -9.61 -30.92 39.70
C GLY A 223 -8.47 -30.05 40.19
N TRP A 224 -8.70 -29.18 41.17
CA TRP A 224 -7.69 -28.19 41.54
C TRP A 224 -6.26 -28.71 41.48
N LYS A 225 -6.00 -29.94 41.92
CA LYS A 225 -4.63 -30.45 41.88
C LYS A 225 -4.11 -30.58 40.44
N LEU A 226 -4.87 -31.27 39.58
CA LEU A 226 -4.43 -31.47 38.20
C LEU A 226 -4.42 -30.18 37.43
N THR A 227 -5.37 -29.29 37.72
CA THR A 227 -5.34 -27.96 37.11
C THR A 227 -4.07 -27.22 37.50
N LEU A 228 -3.69 -27.28 38.78
CA LEU A 228 -2.47 -26.63 39.21
C LEU A 228 -1.26 -27.21 38.50
N VAL A 229 -1.24 -28.53 38.33
CA VAL A 229 -0.12 -29.15 37.63
C VAL A 229 -0.05 -28.67 36.19
N ILE A 230 -1.20 -28.65 35.50
CA ILE A 230 -1.20 -28.19 34.12
C ILE A 230 -0.68 -26.76 34.04
N LEU A 231 -1.15 -25.91 34.95
CA LEU A 231 -0.71 -24.51 34.94
C LEU A 231 0.78 -24.41 35.21
N ALA A 232 1.26 -25.13 36.22
CA ALA A 232 2.68 -25.08 36.57
C ALA A 232 3.55 -25.64 35.47
N VAL A 233 2.96 -26.40 34.54
CA VAL A 233 3.72 -26.81 33.35
C VAL A 233 3.83 -25.68 32.33
N SER A 234 3.10 -24.60 32.50
CA SER A 234 3.18 -23.47 31.58
C SER A 234 4.58 -22.84 31.51
N PRO A 235 5.31 -22.65 32.60
CA PRO A 235 6.67 -22.08 32.48
C PRO A 235 7.55 -22.88 31.55
N ALA A 236 7.30 -24.18 31.38
CA ALA A 236 8.08 -24.95 30.43
C ALA A 236 7.94 -24.39 29.03
N LEU A 237 6.69 -24.16 28.60
CA LEU A 237 6.48 -23.53 27.30
C LEU A 237 7.03 -22.12 27.29
N GLY A 238 6.95 -21.41 28.42
CA GLY A 238 7.48 -20.06 28.47
C GLY A 238 8.97 -20.03 28.16
N ILE A 239 9.74 -20.89 28.83
CA ILE A 239 11.19 -20.88 28.61
C ILE A 239 11.53 -21.46 27.25
N SER A 240 10.74 -22.42 26.76
CA SER A 240 10.92 -22.87 25.39
C SER A 240 10.81 -21.70 24.42
N ALA A 241 9.79 -20.87 24.60
CA ALA A 241 9.62 -19.69 23.76
C ALA A 241 10.76 -18.70 23.97
N ALA A 242 11.30 -18.61 25.19
CA ALA A 242 12.42 -17.71 25.43
C ALA A 242 13.64 -18.12 24.60
N ILE A 243 13.98 -19.41 24.65
CA ILE A 243 15.09 -19.90 23.82
C ILE A 243 14.77 -19.70 22.34
N PHE A 244 13.53 -19.97 21.96
CA PHE A 244 13.09 -19.73 20.59
C PHE A 244 13.40 -18.30 20.16
N GLY A 245 12.98 -17.33 20.97
CA GLY A 245 13.17 -15.93 20.62
C GLY A 245 14.63 -15.57 20.56
N LYS A 246 15.43 -16.05 21.50
CA LYS A 246 16.86 -15.73 21.51
C LYS A 246 17.50 -16.19 20.20
N VAL A 247 17.35 -17.47 19.88
CA VAL A 247 17.98 -18.01 18.68
C VAL A 247 17.43 -17.30 17.44
N LEU A 248 16.12 -17.08 17.41
CA LEU A 248 15.50 -16.46 16.24
C LEU A 248 16.06 -15.07 16.01
N THR A 249 16.17 -14.26 17.06
CA THR A 249 16.68 -12.91 16.90
C THR A 249 18.13 -12.93 16.42
N ASN A 250 18.96 -13.76 17.05
CA ASN A 250 20.37 -13.79 16.66
C ASN A 250 20.51 -14.15 15.18
N PHE A 251 19.90 -15.26 14.77
CA PHE A 251 20.08 -15.72 13.41
C PHE A 251 19.37 -14.82 12.40
N THR A 252 18.26 -14.20 12.79
CA THR A 252 17.57 -13.28 11.91
C THR A 252 18.44 -12.06 11.61
N ALA A 253 19.04 -11.47 12.64
CA ALA A 253 19.92 -10.33 12.40
C ALA A 253 21.09 -10.74 11.52
N LYS A 254 21.69 -11.91 11.80
CA LYS A 254 22.81 -12.35 10.97
C LYS A 254 22.38 -12.53 9.53
N GLU A 255 21.19 -13.10 9.31
CA GLU A 255 20.71 -13.33 7.94
C GLU A 255 20.44 -12.03 7.22
N GLN A 256 19.87 -11.04 7.92
CA GLN A 256 19.67 -9.73 7.29
C GLN A 256 21.01 -9.15 6.87
N THR A 257 22.01 -9.21 7.74
CA THR A 257 23.33 -8.70 7.37
C THR A 257 23.86 -9.41 6.14
N ALA A 258 23.80 -10.74 6.13
CA ALA A 258 24.34 -11.49 5.01
C ALA A 258 23.64 -11.14 3.71
N TYR A 259 22.30 -11.15 3.71
CA TYR A 259 21.55 -10.84 2.50
C TYR A 259 21.84 -9.43 2.02
N ALA A 260 21.94 -8.48 2.96
CA ALA A 260 22.21 -7.11 2.58
C ALA A 260 23.58 -6.98 1.92
N LYS A 261 24.56 -7.76 2.38
CA LYS A 261 25.89 -7.63 1.79
C LYS A 261 25.88 -7.92 0.29
N ALA A 262 24.99 -8.79 -0.17
CA ALA A 262 24.87 -9.08 -1.59
C ALA A 262 23.90 -8.16 -2.30
N GLY A 263 22.79 -7.81 -1.64
CA GLY A 263 21.85 -6.88 -2.23
C GLY A 263 22.46 -5.52 -2.51
N ALA A 264 23.41 -5.11 -1.67
CA ALA A 264 24.08 -3.83 -1.90
C ALA A 264 24.82 -3.83 -3.23
N VAL A 265 25.56 -4.90 -3.52
CA VAL A 265 26.26 -5.00 -4.79
C VAL A 265 25.25 -5.08 -5.93
N ALA A 266 24.17 -5.83 -5.72
CA ALA A 266 23.11 -5.90 -6.73
C ALA A 266 22.65 -4.51 -7.13
N GLU A 267 22.30 -3.69 -6.14
CA GLU A 267 21.76 -2.38 -6.44
C GLU A 267 22.84 -1.44 -6.98
N GLU A 268 24.09 -1.59 -6.52
CA GLU A 268 25.16 -0.78 -7.08
C GLU A 268 25.31 -1.03 -8.56
N VAL A 269 25.25 -2.29 -8.98
CA VAL A 269 25.36 -2.61 -10.40
C VAL A 269 24.14 -2.12 -11.16
N LEU A 270 22.94 -2.40 -10.63
CA LEU A 270 21.72 -2.08 -11.36
C LEU A 270 21.56 -0.57 -11.55
N SER A 271 21.88 0.20 -10.51
CA SER A 271 21.72 1.65 -10.62
C SER A 271 22.62 2.22 -11.69
N ALA A 272 23.87 1.76 -11.76
CA ALA A 272 24.86 2.25 -12.72
C ALA A 272 25.07 1.28 -13.86
N ILE A 273 24.00 0.64 -14.34
CA ILE A 273 24.15 -0.39 -15.36
C ILE A 273 24.83 0.15 -16.60
N ARG A 274 24.59 1.42 -16.92
CA ARG A 274 25.16 1.98 -18.15
C ARG A 274 26.68 1.91 -18.13
N THR A 275 27.30 2.41 -17.06
CA THR A 275 28.76 2.36 -16.99
C THR A 275 29.27 0.98 -16.64
N VAL A 276 28.51 0.22 -15.85
CA VAL A 276 28.91 -1.14 -15.51
C VAL A 276 29.06 -1.96 -16.78
N PHE A 277 28.12 -1.81 -17.71
CA PHE A 277 28.12 -2.60 -18.93
C PHE A 277 28.95 -1.99 -20.04
N ALA A 278 29.00 -0.66 -20.15
CA ALA A 278 29.83 -0.02 -21.16
C ALA A 278 31.27 -0.50 -21.02
N PHE A 279 31.76 -0.56 -19.80
CA PHE A 279 33.03 -1.22 -19.56
C PHE A 279 32.85 -2.73 -19.69
N SER A 280 33.89 -3.39 -20.18
CA SER A 280 33.84 -4.83 -20.39
C SER A 280 34.00 -5.55 -19.05
N GLY A 281 33.14 -5.18 -18.11
CA GLY A 281 33.21 -5.66 -16.74
C GLY A 281 31.91 -6.30 -16.30
N GLN A 282 31.27 -7.00 -17.23
CA GLN A 282 29.99 -7.65 -16.95
C GLN A 282 30.18 -9.02 -16.32
N ASP A 283 31.40 -9.54 -16.28
CA ASP A 283 31.70 -10.81 -15.65
C ASP A 283 32.25 -10.67 -14.25
N ARG A 284 33.14 -9.71 -14.01
CA ARG A 284 33.65 -9.48 -12.66
C ARG A 284 32.50 -9.19 -11.71
N GLU A 285 31.46 -8.52 -12.20
CA GLU A 285 30.24 -8.35 -11.42
C GLU A 285 29.61 -9.71 -11.11
N ILE A 286 29.60 -10.61 -12.09
CA ILE A 286 29.06 -11.94 -11.83
C ILE A 286 29.87 -12.64 -10.77
N LYS A 287 31.20 -12.52 -10.81
CA LYS A 287 32.03 -13.14 -9.77
C LYS A 287 31.69 -12.59 -8.40
N ARG A 288 31.60 -11.26 -8.30
CA ARG A 288 31.30 -10.63 -7.01
C ARG A 288 29.95 -11.10 -6.49
N TYR A 289 28.93 -11.09 -7.34
CA TYR A 289 27.60 -11.53 -6.92
C TYR A 289 27.61 -13.00 -6.55
N HIS A 290 28.33 -13.83 -7.30
CA HIS A 290 28.41 -15.24 -7.00
C HIS A 290 28.99 -15.46 -5.60
N LYS A 291 30.10 -14.81 -5.30
CA LYS A 291 30.74 -15.02 -4.00
C LYS A 291 29.86 -14.49 -2.86
N ASN A 292 29.36 -13.27 -3.01
CA ASN A 292 28.52 -12.71 -1.97
C ASN A 292 27.27 -13.55 -1.75
N LEU A 293 26.69 -14.07 -2.83
CA LEU A 293 25.50 -14.88 -2.70
C LEU A 293 25.82 -16.25 -2.12
N GLU A 294 27.02 -16.77 -2.33
CA GLU A 294 27.41 -18.00 -1.65
C GLU A 294 27.48 -17.79 -0.14
N ASP A 295 28.08 -16.67 0.27
CA ASP A 295 28.08 -16.38 1.71
C ASP A 295 26.68 -16.18 2.24
N ALA A 296 25.84 -15.47 1.48
CA ALA A 296 24.45 -15.29 1.88
C ALA A 296 23.72 -16.62 1.95
N LYS A 297 24.05 -17.55 1.06
CA LYS A 297 23.49 -18.90 1.11
C LYS A 297 23.85 -19.59 2.41
N ASN A 298 25.12 -19.54 2.79
CA ASN A 298 25.53 -20.16 4.05
C ASN A 298 24.73 -19.56 5.22
N MET A 299 24.68 -18.24 5.31
CA MET A 299 23.98 -17.63 6.42
C MET A 299 22.49 -17.92 6.37
N GLY A 300 21.91 -17.96 5.18
CA GLY A 300 20.49 -18.24 5.06
C GLY A 300 20.15 -19.65 5.50
N ILE A 301 20.97 -20.63 5.15
CA ILE A 301 20.71 -21.98 5.62
C ILE A 301 20.87 -22.06 7.13
N LYS A 302 21.84 -21.32 7.69
CA LYS A 302 21.95 -21.29 9.14
C LYS A 302 20.67 -20.75 9.77
N LYS A 303 20.14 -19.66 9.21
CA LYS A 303 18.90 -19.10 9.73
C LYS A 303 17.76 -20.11 9.62
N ALA A 304 17.64 -20.77 8.47
CA ALA A 304 16.56 -21.72 8.27
C ALA A 304 16.63 -22.86 9.27
N ILE A 305 17.83 -23.42 9.47
CA ILE A 305 17.96 -24.53 10.41
C ILE A 305 17.65 -24.08 11.82
N SER A 306 18.07 -22.86 12.17
CA SER A 306 17.78 -22.33 13.50
C SER A 306 16.28 -22.21 13.72
N ALA A 307 15.57 -21.63 12.76
CA ALA A 307 14.13 -21.46 12.92
C ALA A 307 13.43 -22.81 13.00
N ASN A 308 13.84 -23.75 12.16
CA ASN A 308 13.23 -25.07 12.21
C ASN A 308 13.47 -25.75 13.55
N ILE A 309 14.70 -25.67 14.07
CA ILE A 309 14.97 -26.32 15.36
C ILE A 309 14.17 -25.65 16.47
N ALA A 310 13.99 -24.33 16.39
CA ALA A 310 13.18 -23.66 17.40
C ALA A 310 11.73 -24.14 17.37
N MET A 311 11.15 -24.22 16.17
CA MET A 311 9.78 -24.72 16.06
C MET A 311 9.68 -26.17 16.55
N GLY A 312 10.67 -26.99 16.19
CA GLY A 312 10.67 -28.36 16.65
C GLY A 312 10.75 -28.46 18.16
N PHE A 313 11.54 -27.59 18.78
CA PHE A 313 11.63 -27.59 20.24
C PHE A 313 10.30 -27.18 20.86
N THR A 314 9.62 -26.21 20.26
CA THR A 314 8.29 -25.85 20.74
C THR A 314 7.36 -27.06 20.68
N PHE A 315 7.38 -27.78 19.56
CA PHE A 315 6.54 -28.97 19.42
C PHE A 315 6.89 -30.02 20.46
N LEU A 316 8.20 -30.24 20.67
CA LEU A 316 8.63 -31.22 21.65
C LEU A 316 8.16 -30.85 23.04
N MET A 317 8.25 -29.57 23.39
CA MET A 317 7.85 -29.17 24.73
C MET A 317 6.34 -29.30 24.92
N ILE A 318 5.55 -28.96 23.90
CA ILE A 318 4.10 -29.11 24.05
C ILE A 318 3.73 -30.58 24.19
N TYR A 319 4.35 -31.45 23.39
CA TYR A 319 4.05 -32.88 23.53
C TYR A 319 4.51 -33.42 24.88
N LEU A 320 5.65 -32.94 25.38
CA LEU A 320 6.11 -33.37 26.69
C LEU A 320 5.15 -32.91 27.78
N SER A 321 4.60 -31.71 27.63
CA SER A 321 3.57 -31.25 28.57
C SER A 321 2.38 -32.18 28.55
N TYR A 322 1.92 -32.56 27.35
CA TYR A 322 0.86 -33.55 27.24
C TYR A 322 1.21 -34.81 28.02
N ALA A 323 2.42 -35.32 27.80
CA ALA A 323 2.80 -36.60 28.38
C ALA A 323 2.83 -36.53 29.91
N LEU A 324 3.43 -35.47 30.44
CA LEU A 324 3.50 -35.32 31.89
C LEU A 324 2.10 -35.18 32.48
N ALA A 325 1.24 -34.40 31.83
CA ALA A 325 -0.12 -34.24 32.31
C ALA A 325 -0.84 -35.57 32.36
N PHE A 326 -0.70 -36.37 31.31
CA PHE A 326 -1.41 -37.65 31.28
C PHE A 326 -0.84 -38.62 32.29
N TRP A 327 0.48 -38.60 32.50
CA TRP A 327 1.07 -39.45 33.53
C TRP A 327 0.54 -39.09 34.91
N TYR A 328 0.45 -37.79 35.20
CA TYR A 328 -0.08 -37.38 36.50
C TYR A 328 -1.55 -37.74 36.63
N GLY A 329 -2.31 -37.59 35.55
CA GLY A 329 -3.70 -38.01 35.58
C GLY A 329 -3.83 -39.49 35.89
N SER A 330 -2.98 -40.31 35.26
CA SER A 330 -2.98 -41.73 35.56
C SER A 330 -2.68 -41.97 37.03
N ILE A 331 -1.62 -41.34 37.55
CA ILE A 331 -1.25 -41.54 38.94
C ILE A 331 -2.42 -41.24 39.85
N LEU A 332 -3.10 -40.13 39.60
CA LEU A 332 -4.26 -39.78 40.42
C LEU A 332 -5.37 -40.80 40.27
N ILE A 333 -5.63 -41.28 39.06
CA ILE A 333 -6.72 -42.21 38.84
C ILE A 333 -6.45 -43.52 39.59
N MET A 334 -5.19 -43.95 39.61
CA MET A 334 -4.86 -45.15 40.37
C MET A 334 -5.29 -45.01 41.83
N SER A 335 -5.05 -43.84 42.41
CA SER A 335 -5.50 -43.58 43.77
C SER A 335 -7.01 -43.43 43.87
N LYS A 336 -7.70 -43.27 42.74
CA LYS A 336 -9.16 -43.17 42.69
C LYS A 336 -9.64 -41.81 43.21
N GLU A 337 -8.85 -40.77 42.98
CA GLU A 337 -9.24 -39.40 43.32
C GLU A 337 -9.96 -38.72 42.16
N TYR A 338 -9.35 -38.69 40.99
CA TYR A 338 -9.99 -38.24 39.76
C TYR A 338 -10.29 -39.45 38.91
N THR A 339 -11.50 -39.49 38.34
CA THR A 339 -11.82 -40.52 37.37
C THR A 339 -11.37 -40.07 35.98
N ILE A 340 -11.31 -41.02 35.05
CA ILE A 340 -10.84 -40.70 33.70
C ILE A 340 -11.66 -39.57 33.11
N GLY A 341 -12.97 -39.61 33.29
CA GLY A 341 -13.80 -38.51 32.82
C GLY A 341 -13.38 -37.18 33.40
N THR A 342 -13.06 -37.17 34.69
CA THR A 342 -12.67 -35.92 35.35
C THR A 342 -11.37 -35.37 34.78
N VAL A 343 -10.36 -36.24 34.60
CA VAL A 343 -9.09 -35.77 34.07
C VAL A 343 -9.28 -35.26 32.64
N LEU A 344 -10.04 -35.98 31.83
CA LEU A 344 -10.29 -35.51 30.47
C LEU A 344 -10.99 -34.16 30.48
N THR A 345 -11.99 -34.00 31.34
CA THR A 345 -12.70 -32.74 31.42
C THR A 345 -11.77 -31.60 31.76
N VAL A 346 -10.99 -31.76 32.83
CA VAL A 346 -10.14 -30.67 33.29
C VAL A 346 -9.08 -30.34 32.24
N PHE A 347 -8.48 -31.37 31.65
CA PHE A 347 -7.46 -31.12 30.64
C PHE A 347 -8.04 -30.37 29.46
N PHE A 348 -9.21 -30.78 28.98
CA PHE A 348 -9.76 -30.13 27.80
C PHE A 348 -10.24 -28.72 28.10
N VAL A 349 -10.80 -28.50 29.29
CA VAL A 349 -11.26 -27.15 29.60
C VAL A 349 -10.08 -26.19 29.71
N VAL A 350 -8.99 -26.62 30.36
CA VAL A 350 -7.84 -25.73 30.44
C VAL A 350 -7.24 -25.50 29.06
N LEU A 351 -7.16 -26.55 28.23
CA LEU A 351 -6.63 -26.37 26.88
C LEU A 351 -7.47 -25.36 26.09
N ILE A 352 -8.79 -25.51 26.13
CA ILE A 352 -9.65 -24.62 25.37
C ILE A 352 -9.55 -23.20 25.90
N GLY A 353 -9.47 -23.03 27.22
CA GLY A 353 -9.34 -21.68 27.76
C GLY A 353 -8.09 -21.00 27.26
N ALA A 354 -6.95 -21.71 27.34
CA ALA A 354 -5.70 -21.11 26.88
C ALA A 354 -5.79 -20.75 25.39
N PHE A 355 -6.23 -21.70 24.57
CA PHE A 355 -6.26 -21.43 23.14
C PHE A 355 -7.25 -20.33 22.79
N THR A 356 -8.37 -20.24 23.50
CA THR A 356 -9.34 -19.18 23.21
C THR A 356 -8.77 -17.82 23.54
N MET A 357 -8.08 -17.68 24.68
CA MET A 357 -7.44 -16.40 24.97
C MET A 357 -6.45 -16.05 23.88
N GLY A 358 -5.65 -17.03 23.44
CA GLY A 358 -4.74 -16.76 22.33
C GLY A 358 -5.47 -16.29 21.10
N GLN A 359 -6.56 -16.97 20.73
CA GLN A 359 -7.23 -16.69 19.47
C GLN A 359 -7.92 -15.33 19.49
N THR A 360 -8.35 -14.86 20.65
CA THR A 360 -8.96 -13.54 20.74
C THR A 360 -7.97 -12.45 21.14
N SER A 361 -6.69 -12.78 21.26
CA SER A 361 -5.68 -11.73 21.22
C SER A 361 -5.79 -10.84 19.99
N PRO A 362 -5.95 -11.36 18.76
CA PRO A 362 -6.06 -10.47 17.59
C PRO A 362 -7.24 -9.51 17.63
N ASN A 363 -8.36 -9.89 18.25
CA ASN A 363 -9.48 -8.96 18.34
C ASN A 363 -9.16 -7.77 19.24
N ILE A 364 -8.18 -7.90 20.14
CA ILE A 364 -7.76 -6.78 20.96
C ILE A 364 -7.24 -5.65 20.08
N GLN A 365 -6.44 -5.98 19.08
CA GLN A 365 -5.88 -4.94 18.21
C GLN A 365 -6.98 -4.22 17.46
N SER A 366 -8.00 -4.95 17.00
CA SER A 366 -9.12 -4.30 16.36
C SER A 366 -9.84 -3.36 17.32
N PHE A 367 -10.04 -3.81 18.56
CA PHE A 367 -10.66 -2.92 19.54
C PHE A 367 -9.83 -1.65 19.72
N ALA A 368 -8.51 -1.79 19.85
CA ALA A 368 -7.67 -0.62 20.08
C ALA A 368 -7.68 0.32 18.89
N SER A 369 -7.55 -0.21 17.67
CA SER A 369 -7.57 0.64 16.50
C SER A 369 -8.90 1.34 16.35
N ALA A 370 -9.99 0.63 16.62
CA ALA A 370 -11.31 1.24 16.60
C ALA A 370 -11.40 2.35 17.64
N ARG A 371 -10.84 2.12 18.82
CA ARG A 371 -10.84 3.17 19.85
C ARG A 371 -10.12 4.42 19.37
N GLY A 372 -8.96 4.26 18.74
CA GLY A 372 -8.23 5.42 18.28
C GLY A 372 -8.98 6.18 17.19
N ALA A 373 -9.47 5.45 16.19
CA ALA A 373 -10.22 6.10 15.14
C ALA A 373 -11.44 6.81 15.69
N ALA A 374 -12.12 6.17 16.65
CA ALA A 374 -13.26 6.79 17.30
C ALA A 374 -12.84 8.06 18.03
N HIS A 375 -11.67 8.05 18.65
CA HIS A 375 -11.22 9.25 19.34
C HIS A 375 -11.13 10.42 18.37
N LYS A 376 -10.46 10.20 17.23
CA LYS A 376 -10.30 11.31 16.30
C LYS A 376 -11.66 11.74 15.73
N VAL A 377 -12.52 10.77 15.39
CA VAL A 377 -13.83 11.11 14.84
C VAL A 377 -14.65 11.91 15.84
N TYR A 378 -14.65 11.48 17.10
CA TYR A 378 -15.41 12.18 18.13
C TYR A 378 -14.86 13.57 18.37
N SER A 379 -13.53 13.71 18.41
CA SER A 379 -12.96 15.04 18.57
C SER A 379 -13.45 15.96 17.45
N ILE A 380 -13.51 15.44 16.21
CA ILE A 380 -14.08 16.25 15.14
C ILE A 380 -15.54 16.56 15.42
N ILE A 381 -16.28 15.60 15.96
CA ILE A 381 -17.72 15.79 16.17
C ILE A 381 -17.97 16.90 17.18
N ASP A 382 -17.21 16.93 18.26
CA ASP A 382 -17.48 17.87 19.34
C ASP A 382 -16.95 19.27 19.06
N ASN A 383 -16.08 19.43 18.07
CA ASN A 383 -15.50 20.73 17.79
C ASN A 383 -16.58 21.71 17.37
N GLN A 384 -16.74 22.79 18.13
CA GLN A 384 -17.80 23.76 17.88
C GLN A 384 -17.24 24.92 17.08
N PRO A 385 -17.69 25.15 15.85
CA PRO A 385 -17.16 26.27 15.07
C PRO A 385 -17.52 27.61 15.71
N CYS A 386 -16.60 28.56 15.55
CA CYS A 386 -16.85 29.90 16.06
C CYS A 386 -18.03 30.57 15.34
N ILE A 387 -18.28 30.20 14.09
CA ILE A 387 -19.41 30.72 13.32
C ILE A 387 -20.37 29.56 13.09
N ASP A 388 -21.62 29.75 13.52
CA ASP A 388 -22.64 28.72 13.45
C ASP A 388 -23.48 28.97 12.19
N SER A 389 -23.25 28.14 11.17
CA SER A 389 -23.91 28.32 9.90
C SER A 389 -25.32 27.77 9.87
N TYR A 390 -25.77 27.13 10.95
CA TYR A 390 -27.10 26.52 11.01
C TYR A 390 -27.99 27.18 12.03
N SER A 391 -27.44 27.63 13.15
CA SER A 391 -28.26 28.24 14.19
C SER A 391 -28.98 29.46 13.63
N ASP A 392 -30.23 29.62 14.04
CA ASP A 392 -31.07 30.71 13.58
C ASP A 392 -31.00 31.93 14.49
N ALA A 393 -29.93 32.08 15.25
CA ALA A 393 -29.78 33.23 16.13
C ALA A 393 -29.24 34.41 15.35
N GLY A 394 -29.96 35.51 15.36
CA GLY A 394 -29.54 36.70 14.65
C GLY A 394 -30.74 37.55 14.30
N PHE A 395 -30.47 38.66 13.62
CA PHE A 395 -31.51 39.57 13.15
C PHE A 395 -31.62 39.49 11.64
N LYS A 396 -32.85 39.64 11.14
CA LYS A 396 -33.17 39.52 9.72
C LYS A 396 -33.86 40.82 9.29
N PRO A 397 -33.10 41.89 9.09
CA PRO A 397 -33.72 43.15 8.67
C PRO A 397 -34.63 42.95 7.47
N ASP A 398 -35.90 43.33 7.62
CA ASP A 398 -36.87 43.10 6.54
C ASP A 398 -36.37 43.67 5.23
N SER A 399 -35.70 44.82 5.28
CA SER A 399 -35.11 45.42 4.10
C SER A 399 -33.70 45.86 4.42
N ILE A 400 -32.85 45.91 3.40
CA ILE A 400 -31.47 46.35 3.55
C ILE A 400 -31.13 47.25 2.37
N LYS A 401 -30.56 48.41 2.66
CA LYS A 401 -30.18 49.33 1.58
C LYS A 401 -29.08 48.75 0.71
N GLY A 402 -28.34 47.78 1.23
CA GLY A 402 -27.30 47.12 0.47
C GLY A 402 -25.93 47.75 0.54
N ASN A 403 -25.69 48.63 1.51
CA ASN A 403 -24.38 49.25 1.65
C ASN A 403 -23.40 48.29 2.32
N ILE A 404 -22.13 48.66 2.28
CA ILE A 404 -21.07 47.85 2.88
C ILE A 404 -20.02 48.79 3.45
N GLU A 405 -19.51 48.45 4.63
CA GLU A 405 -18.51 49.28 5.28
C GLU A 405 -17.52 48.40 6.03
N PHE A 406 -16.31 48.92 6.23
CA PHE A 406 -15.28 48.22 6.97
C PHE A 406 -14.45 49.24 7.73
N ARG A 407 -14.20 48.97 9.01
CA ARG A 407 -13.47 49.87 9.90
C ARG A 407 -12.26 49.11 10.44
N ASN A 408 -11.14 49.20 9.73
CA ASN A 408 -9.89 48.61 10.18
C ASN A 408 -10.08 47.18 10.68
N ILE A 409 -10.52 46.32 9.77
CA ILE A 409 -10.72 44.91 10.09
C ILE A 409 -9.38 44.20 9.95
N HIS A 410 -8.80 43.81 11.08
CA HIS A 410 -7.54 43.08 11.07
C HIS A 410 -7.81 41.60 10.90
N PHE A 411 -7.14 40.97 9.95
CA PHE A 411 -7.34 39.55 9.65
C PHE A 411 -5.99 38.83 9.65
N ASN A 412 -6.03 37.58 10.11
CA ASN A 412 -4.91 36.67 9.95
C ASN A 412 -5.50 35.27 9.84
N TYR A 413 -4.93 34.47 8.94
CA TYR A 413 -5.44 33.13 8.74
C TYR A 413 -5.32 32.34 10.04
N PRO A 414 -6.35 31.57 10.42
CA PRO A 414 -6.22 30.78 11.66
C PRO A 414 -5.01 29.87 11.66
N SER A 415 -4.66 29.30 10.50
CA SER A 415 -3.41 28.58 10.35
C SER A 415 -2.31 29.55 9.97
N ARG A 416 -1.23 29.56 10.74
CA ARG A 416 -0.12 30.48 10.51
C ARG A 416 -0.69 31.89 10.59
N PRO A 417 -1.04 32.37 11.78
CA PRO A 417 -1.55 33.74 11.93
C PRO A 417 -0.48 34.82 11.91
N ASP A 418 0.79 34.45 11.82
CA ASP A 418 1.84 35.44 11.80
C ASP A 418 1.69 36.38 10.60
N VAL A 419 1.36 35.82 9.44
CA VAL A 419 1.15 36.65 8.25
C VAL A 419 0.02 37.64 8.53
N LYS A 420 0.25 38.90 8.21
CA LYS A 420 -0.73 39.96 8.40
C LYS A 420 -0.80 40.77 7.12
N ILE A 421 -1.89 40.63 6.38
CA ILE A 421 -2.09 41.35 5.12
C ILE A 421 -3.09 42.48 5.28
N LEU A 422 -4.22 42.21 5.93
CA LEU A 422 -5.28 43.19 6.08
C LEU A 422 -5.04 43.99 7.36
N ASN A 423 -4.40 45.13 7.21
CA ASN A 423 -4.11 46.04 8.32
C ASN A 423 -4.50 47.44 7.90
N ASN A 424 -5.44 48.04 8.64
CA ASN A 424 -5.94 49.38 8.34
C ASN A 424 -6.80 49.38 7.08
N MET A 425 -7.51 48.29 6.82
CA MET A 425 -8.48 48.26 5.73
C MET A 425 -9.74 49.02 6.16
N SER A 426 -10.03 50.12 5.48
CA SER A 426 -11.19 50.95 5.81
C SER A 426 -11.70 51.57 4.51
N LEU A 427 -12.74 50.97 3.93
CA LEU A 427 -13.35 51.49 2.72
C LEU A 427 -14.83 51.15 2.73
N SER A 428 -15.65 52.09 2.26
CA SER A 428 -17.09 51.95 2.25
C SER A 428 -17.60 52.16 0.82
N VAL A 429 -18.65 51.42 0.47
CA VAL A 429 -19.26 51.48 -0.86
C VAL A 429 -20.75 51.65 -0.68
N LYS A 430 -21.24 52.86 -0.90
CA LYS A 430 -22.67 53.11 -0.83
C LYS A 430 -23.40 52.36 -1.93
N SER A 431 -24.54 51.76 -1.58
CA SER A 431 -25.27 50.92 -2.50
C SER A 431 -25.51 51.65 -3.82
N GLY A 432 -25.77 50.87 -4.87
CA GLY A 432 -26.00 51.41 -6.18
C GLY A 432 -24.75 51.80 -6.94
N GLN A 433 -23.58 51.47 -6.41
CA GLN A 433 -22.31 51.83 -7.03
C GLN A 433 -21.56 50.57 -7.44
N THR A 434 -20.65 50.72 -8.39
CA THR A 434 -19.69 49.68 -8.72
C THR A 434 -18.28 50.24 -8.55
N ILE A 435 -17.45 49.51 -7.82
CA ILE A 435 -16.12 49.95 -7.44
C ILE A 435 -15.12 48.93 -7.91
N ALA A 436 -14.10 49.37 -8.65
CA ALA A 436 -13.08 48.47 -9.14
C ALA A 436 -12.11 48.09 -8.03
N LEU A 437 -11.36 47.02 -8.27
CA LEU A 437 -10.37 46.50 -7.34
C LEU A 437 -9.09 46.21 -8.09
N VAL A 438 -7.97 46.23 -7.38
CA VAL A 438 -6.66 45.97 -7.98
C VAL A 438 -5.75 45.27 -6.99
N GLY A 439 -4.67 44.72 -7.49
CA GLY A 439 -3.65 44.13 -6.66
C GLY A 439 -2.63 43.42 -7.54
N SER A 440 -1.47 43.15 -6.94
CA SER A 440 -0.38 42.51 -7.65
C SER A 440 -0.33 41.01 -7.38
N SER A 441 -0.33 40.60 -6.12
CA SER A 441 -0.36 39.19 -5.75
C SER A 441 -1.70 38.76 -5.18
N GLY A 442 -2.77 39.50 -5.49
CA GLY A 442 -4.04 39.23 -4.85
C GLY A 442 -3.96 39.35 -3.35
N CYS A 443 -3.16 40.30 -2.85
CA CYS A 443 -2.82 40.33 -1.44
C CYS A 443 -4.07 40.51 -0.58
N GLY A 444 -4.91 41.48 -0.93
CA GLY A 444 -6.05 41.81 -0.11
C GLY A 444 -7.38 41.38 -0.65
N LYS A 445 -7.54 41.45 -1.97
CA LYS A 445 -8.86 41.30 -2.57
C LYS A 445 -9.49 39.95 -2.21
N SER A 446 -8.72 38.87 -2.37
CA SER A 446 -9.26 37.54 -2.06
C SER A 446 -9.66 37.45 -0.60
N THR A 447 -8.81 37.97 0.30
CA THR A 447 -9.11 37.89 1.72
C THR A 447 -10.37 38.67 2.07
N THR A 448 -10.53 39.87 1.51
CA THR A 448 -11.72 40.66 1.84
C THR A 448 -12.99 40.05 1.25
N ILE A 449 -12.92 39.53 0.03
CA ILE A 449 -14.11 38.88 -0.53
C ILE A 449 -14.47 37.65 0.30
N GLN A 450 -13.46 36.92 0.79
CA GLN A 450 -13.74 35.82 1.70
C GLN A 450 -14.39 36.32 2.98
N LEU A 451 -13.87 37.42 3.52
CA LEU A 451 -14.38 37.94 4.79
C LEU A 451 -15.84 38.34 4.68
N LEU A 452 -16.20 39.05 3.61
CA LEU A 452 -17.57 39.52 3.47
C LEU A 452 -18.54 38.36 3.46
N GLN A 453 -18.07 37.17 3.12
CA GLN A 453 -18.86 35.95 3.24
C GLN A 453 -18.82 35.37 4.64
N ARG A 454 -18.18 36.06 5.59
CA ARG A 454 -18.02 35.56 6.95
C ARG A 454 -17.22 34.25 6.96
N PHE A 455 -16.24 34.14 6.06
CA PHE A 455 -15.36 32.97 6.05
C PHE A 455 -14.35 33.01 7.18
N TYR A 456 -13.89 34.19 7.56
CA TYR A 456 -12.92 34.34 8.65
C TYR A 456 -13.41 35.42 9.59
N ASP A 457 -13.43 35.11 10.88
CA ASP A 457 -13.95 36.06 11.85
C ASP A 457 -13.07 37.31 11.87
N PRO A 458 -13.65 38.50 11.79
CA PRO A 458 -12.84 39.72 11.94
C PRO A 458 -12.11 39.73 13.27
N GLN A 459 -10.78 39.65 13.23
CA GLN A 459 -10.02 39.55 14.47
C GLN A 459 -10.01 40.87 15.22
N GLU A 460 -9.99 42.00 14.51
CA GLU A 460 -10.05 43.30 15.17
C GLU A 460 -10.58 44.31 14.16
N GLY A 461 -11.78 44.83 14.41
CA GLY A 461 -12.38 45.83 13.56
C GLY A 461 -13.87 45.88 13.77
N SER A 462 -14.50 46.80 13.04
CA SER A 462 -15.94 47.03 13.15
C SER A 462 -16.56 47.07 11.76
N VAL A 463 -17.75 46.50 11.64
CA VAL A 463 -18.53 46.51 10.40
C VAL A 463 -19.85 47.21 10.70
N SER A 464 -20.22 48.16 9.86
CA SER A 464 -21.36 49.06 10.10
C SER A 464 -22.28 49.05 8.87
N ILE A 465 -22.58 47.85 8.38
CA ILE A 465 -23.47 47.72 7.23
C ILE A 465 -24.85 48.20 7.63
N ASP A 466 -25.23 49.39 7.16
CA ASP A 466 -26.55 49.95 7.43
C ASP A 466 -26.91 49.82 8.91
N THR A 467 -25.98 50.24 9.76
CA THR A 467 -26.14 50.14 11.21
C THR A 467 -26.34 48.69 11.65
N HIS A 468 -25.75 47.77 10.90
CA HIS A 468 -25.77 46.36 11.25
C HIS A 468 -24.36 45.80 11.13
N ASP A 469 -24.00 44.96 12.09
CA ASP A 469 -22.72 44.25 12.07
C ASP A 469 -22.95 42.84 11.54
N ILE A 470 -22.13 42.43 10.58
CA ILE A 470 -22.27 41.10 10.00
C ILE A 470 -22.23 40.03 11.09
N ARG A 471 -21.39 40.24 12.11
CA ARG A 471 -21.34 39.27 13.20
C ARG A 471 -22.71 39.06 13.83
N SER A 472 -23.46 40.15 14.02
CA SER A 472 -24.70 40.10 14.78
C SER A 472 -25.90 39.61 13.99
N LEU A 473 -25.78 39.47 12.67
CA LEU A 473 -26.89 39.01 11.85
C LEU A 473 -26.80 37.52 11.59
N ASN A 474 -27.94 36.94 11.20
CA ASN A 474 -27.96 35.52 10.87
C ASN A 474 -27.02 35.25 9.70
N VAL A 475 -26.23 34.19 9.83
CA VAL A 475 -25.23 33.89 8.79
C VAL A 475 -25.92 33.50 7.49
N ARG A 476 -26.96 32.68 7.56
CA ARG A 476 -27.63 32.25 6.34
C ARG A 476 -28.22 33.43 5.58
N TYR A 477 -28.90 34.33 6.29
CA TYR A 477 -29.48 35.50 5.65
C TYR A 477 -28.40 36.37 5.01
N LEU A 478 -27.29 36.56 5.71
CA LEU A 478 -26.21 37.36 5.16
C LEU A 478 -25.65 36.71 3.89
N ARG A 479 -25.38 35.41 3.94
CA ARG A 479 -24.80 34.74 2.78
C ARG A 479 -25.75 34.82 1.59
N GLU A 480 -27.02 34.53 1.80
CA GLU A 480 -27.98 34.60 0.69
C GLU A 480 -28.20 36.03 0.26
N MET A 481 -27.93 37.00 1.14
CA MET A 481 -28.16 38.40 0.83
C MET A 481 -27.28 38.86 -0.32
N ILE A 482 -26.15 38.19 -0.56
CA ILE A 482 -25.21 38.58 -1.60
C ILE A 482 -24.97 37.39 -2.51
N GLY A 483 -24.55 37.68 -3.74
CA GLY A 483 -24.28 36.66 -4.73
C GLY A 483 -22.83 36.65 -5.18
N VAL A 484 -22.12 35.55 -4.89
CA VAL A 484 -20.71 35.43 -5.24
C VAL A 484 -20.46 34.04 -5.80
N VAL A 485 -19.58 33.97 -6.80
CA VAL A 485 -19.18 32.70 -7.39
C VAL A 485 -17.69 32.73 -7.69
N SER A 486 -17.05 31.58 -7.48
CA SER A 486 -15.61 31.45 -7.56
C SER A 486 -15.11 31.71 -8.97
N GLN A 487 -13.79 31.60 -9.14
CA GLN A 487 -13.19 31.71 -10.47
C GLN A 487 -13.66 30.60 -11.39
N GLU A 488 -13.73 29.37 -10.87
CA GLU A 488 -14.22 28.23 -11.65
C GLU A 488 -14.97 27.31 -10.72
N PRO A 489 -16.28 27.50 -10.57
CA PRO A 489 -17.05 26.64 -9.68
C PRO A 489 -17.35 25.29 -10.33
N ILE A 490 -16.67 24.24 -9.89
CA ILE A 490 -16.91 22.92 -10.46
C ILE A 490 -18.37 22.61 -10.26
N LEU A 491 -19.11 22.47 -11.37
CA LEU A 491 -20.52 22.14 -11.27
C LEU A 491 -20.68 20.81 -10.54
N PHE A 492 -21.71 20.72 -9.72
CA PHE A 492 -21.96 19.49 -9.00
C PHE A 492 -22.53 18.43 -9.96
N ALA A 493 -22.32 17.17 -9.60
CA ALA A 493 -22.66 16.05 -10.48
C ALA A 493 -24.17 15.95 -10.54
N THR A 494 -24.77 16.85 -11.33
CA THR A 494 -26.21 16.89 -11.51
C THR A 494 -26.52 17.44 -12.89
N THR A 495 -27.81 17.50 -13.21
CA THR A 495 -28.24 18.11 -14.45
C THR A 495 -27.99 19.60 -14.42
N ILE A 496 -27.79 20.18 -15.60
CA ILE A 496 -27.53 21.62 -15.68
C ILE A 496 -28.72 22.40 -15.13
N ALA A 497 -29.94 21.92 -15.38
CA ALA A 497 -31.10 22.53 -14.76
C ALA A 497 -30.99 22.48 -13.24
N GLU A 498 -30.59 21.34 -12.69
CA GLU A 498 -30.46 21.24 -11.24
C GLU A 498 -29.32 22.12 -10.75
N ASN A 499 -28.26 22.25 -11.54
CA ASN A 499 -27.14 23.10 -11.14
C ASN A 499 -27.57 24.56 -11.05
N ILE A 500 -28.33 25.05 -12.04
CA ILE A 500 -28.86 26.40 -11.93
C ILE A 500 -29.84 26.50 -10.78
N LYS A 501 -30.60 25.44 -10.52
CA LYS A 501 -31.51 25.43 -9.39
C LYS A 501 -30.74 25.62 -8.08
N TYR A 502 -29.58 25.00 -7.96
CA TYR A 502 -28.71 25.30 -6.82
C TYR A 502 -28.47 26.79 -6.76
N GLY A 503 -28.47 27.33 -5.55
CA GLY A 503 -28.47 28.76 -5.37
C GLY A 503 -29.57 29.18 -4.45
N ARG A 504 -30.56 29.89 -4.98
CA ARG A 504 -31.70 30.32 -4.17
C ARG A 504 -32.92 29.47 -4.51
N PRO A 505 -33.30 28.52 -3.65
CA PRO A 505 -34.51 27.73 -3.94
C PRO A 505 -35.78 28.56 -3.96
N ASP A 506 -35.73 29.79 -3.45
CA ASP A 506 -36.90 30.67 -3.43
C ASP A 506 -37.63 30.59 -4.76
N VAL A 507 -36.88 30.44 -5.84
CA VAL A 507 -37.42 30.13 -7.15
C VAL A 507 -36.98 28.72 -7.48
N THR A 508 -37.95 27.86 -7.84
CA THR A 508 -37.65 26.45 -8.06
C THR A 508 -37.65 26.09 -9.53
N GLN A 509 -38.72 26.41 -10.25
CA GLN A 509 -38.79 26.11 -11.68
C GLN A 509 -39.03 27.36 -12.52
N GLN A 510 -40.01 28.17 -12.12
CA GLN A 510 -40.52 29.22 -13.00
C GLN A 510 -39.44 30.21 -13.38
N GLU A 511 -38.75 30.76 -12.38
CA GLU A 511 -37.65 31.68 -12.67
C GLU A 511 -36.34 30.95 -12.90
N ILE A 512 -36.24 29.67 -12.52
CA ILE A 512 -35.05 28.91 -12.84
C ILE A 512 -34.89 28.79 -14.35
N GLU A 513 -35.98 28.51 -15.05
CA GLU A 513 -35.92 28.49 -16.50
C GLU A 513 -35.72 29.89 -17.08
N GLN A 514 -36.24 30.93 -16.43
CA GLN A 514 -36.08 32.29 -16.94
C GLN A 514 -34.65 32.77 -16.84
N ALA A 515 -33.93 32.38 -15.78
CA ALA A 515 -32.59 32.91 -15.54
C ALA A 515 -31.69 32.69 -16.74
N ALA A 516 -31.89 31.60 -17.48
CA ALA A 516 -31.03 31.32 -18.63
C ALA A 516 -30.92 32.53 -19.55
N LYS A 517 -32.03 33.20 -19.80
CA LYS A 517 -32.03 34.32 -20.74
C LYS A 517 -31.09 35.44 -20.28
N GLU A 518 -30.73 35.44 -19.00
CA GLU A 518 -29.93 36.52 -18.46
C GLU A 518 -28.44 36.24 -18.59
N ALA A 519 -28.05 34.97 -18.59
CA ALA A 519 -26.64 34.60 -18.48
C ALA A 519 -25.94 34.41 -19.82
N ASN A 520 -26.59 34.71 -20.94
CA ASN A 520 -26.05 34.47 -22.27
C ASN A 520 -25.74 32.99 -22.50
N ALA A 521 -26.15 32.12 -21.59
CA ALA A 521 -26.00 30.68 -21.78
C ALA A 521 -27.04 30.11 -22.73
N TYR A 522 -28.23 30.70 -22.77
CA TYR A 522 -29.30 30.21 -23.64
C TYR A 522 -28.83 29.94 -25.06
N ASP A 523 -27.78 30.63 -25.51
CA ASP A 523 -27.28 30.45 -26.87
C ASP A 523 -27.16 28.98 -27.23
N PHE A 524 -26.82 28.13 -26.25
CA PHE A 524 -26.82 26.69 -26.47
C PHE A 524 -28.01 26.01 -25.83
N ILE A 525 -28.56 26.57 -24.75
CA ILE A 525 -29.66 25.92 -24.05
C ILE A 525 -30.83 25.71 -25.00
N MET A 526 -31.17 26.74 -25.77
CA MET A 526 -32.31 26.61 -26.69
C MET A 526 -32.08 25.50 -27.70
N ASN A 527 -30.86 25.39 -28.22
CA ASN A 527 -30.48 24.32 -29.13
C ASN A 527 -29.37 23.46 -28.52
N LEU A 528 -29.50 23.17 -27.22
CA LEU A 528 -28.65 22.18 -26.57
C LEU A 528 -29.21 20.81 -26.90
N PRO A 529 -28.60 19.73 -26.40
CA PRO A 529 -29.21 18.40 -26.61
C PRO A 529 -30.63 18.33 -26.08
N ASP A 530 -30.94 19.09 -25.03
CA ASP A 530 -32.30 19.21 -24.52
C ASP A 530 -32.58 20.67 -24.22
N LYS A 531 -33.87 21.02 -24.16
CA LYS A 531 -34.25 22.42 -24.03
C LYS A 531 -33.63 23.04 -22.78
N PHE A 532 -33.75 22.37 -21.63
CA PHE A 532 -32.95 22.74 -20.47
C PHE A 532 -32.41 21.52 -19.73
N GLU A 533 -31.89 20.53 -20.48
CA GLU A 533 -30.94 19.56 -19.97
C GLU A 533 -31.42 18.65 -18.84
N THR A 534 -32.37 17.78 -19.13
CA THR A 534 -32.61 16.60 -18.30
C THR A 534 -31.62 15.53 -18.70
N LEU A 535 -31.04 14.86 -17.70
CA LEU A 535 -30.16 13.69 -17.90
C LEU A 535 -28.78 14.06 -18.42
N VAL A 536 -28.46 15.35 -18.56
CA VAL A 536 -27.17 15.72 -19.13
C VAL A 536 -26.03 15.21 -18.25
N GLY A 537 -26.18 15.34 -16.93
CA GLY A 537 -25.25 14.72 -16.00
C GLY A 537 -24.03 15.54 -15.68
N ASP A 538 -23.13 15.71 -16.67
CA ASP A 538 -21.84 16.37 -16.47
C ASP A 538 -20.82 15.35 -15.96
N ARG A 539 -19.56 15.76 -15.83
CA ARG A 539 -18.45 14.87 -15.48
C ARG A 539 -18.16 13.93 -16.65
N GLY A 540 -19.10 13.05 -16.96
CA GLY A 540 -18.98 12.26 -18.17
C GLY A 540 -18.97 13.14 -19.40
N THR A 541 -19.81 14.16 -19.42
CA THR A 541 -19.81 15.16 -20.49
C THR A 541 -19.00 16.37 -20.07
N GLN A 542 -18.40 17.02 -21.06
CA GLN A 542 -17.48 18.13 -20.83
C GLN A 542 -18.04 19.41 -21.44
N MET A 543 -17.90 20.50 -20.68
CA MET A 543 -18.30 21.82 -21.14
C MET A 543 -17.06 22.69 -21.30
N SER A 544 -17.19 23.73 -22.11
CA SER A 544 -16.12 24.71 -22.24
C SER A 544 -16.09 25.63 -21.01
N GLY A 545 -14.92 26.23 -20.78
CA GLY A 545 -14.80 27.15 -19.67
C GLY A 545 -15.80 28.28 -19.73
N GLY A 546 -16.03 28.83 -20.93
CA GLY A 546 -17.07 29.83 -21.07
C GLY A 546 -18.44 29.31 -20.70
N GLN A 547 -18.73 28.05 -21.05
CA GLN A 547 -20.00 27.46 -20.68
C GLN A 547 -20.18 27.39 -19.17
N LYS A 548 -19.15 26.89 -18.47
CA LYS A 548 -19.20 26.81 -17.02
C LYS A 548 -19.34 28.19 -16.39
N GLN A 549 -18.61 29.18 -16.91
CA GLN A 549 -18.74 30.53 -16.38
C GLN A 549 -20.13 31.11 -16.63
N ARG A 550 -20.72 30.83 -17.80
CA ARG A 550 -22.05 31.34 -18.09
C ARG A 550 -23.08 30.74 -17.14
N ILE A 551 -23.00 29.43 -16.90
CA ILE A 551 -23.92 28.83 -15.93
C ILE A 551 -23.65 29.40 -14.55
N ALA A 552 -22.39 29.71 -14.24
CA ALA A 552 -22.09 30.32 -12.95
C ALA A 552 -22.76 31.67 -12.80
N ILE A 553 -22.74 32.50 -13.85
CA ILE A 553 -23.36 33.80 -13.74
C ILE A 553 -24.88 33.67 -13.67
N ALA A 554 -25.45 32.68 -14.37
CA ALA A 554 -26.87 32.40 -14.20
C ALA A 554 -27.18 32.09 -12.74
N ARG A 555 -26.40 31.20 -12.15
CA ARG A 555 -26.62 30.80 -10.77
C ARG A 555 -26.48 32.00 -9.84
N ALA A 556 -25.50 32.85 -10.10
CA ALA A 556 -25.36 34.07 -9.31
C ALA A 556 -26.59 34.94 -9.43
N LEU A 557 -27.11 35.10 -10.64
CA LEU A 557 -28.23 35.98 -10.90
C LEU A 557 -29.56 35.35 -10.61
N VAL A 558 -29.61 34.14 -10.06
CA VAL A 558 -30.90 33.59 -9.68
C VAL A 558 -31.34 34.31 -8.41
N ARG A 559 -32.01 35.43 -8.59
CA ARG A 559 -32.49 36.28 -7.52
C ARG A 559 -31.44 36.45 -6.42
N ASN A 560 -30.31 37.04 -6.80
CA ASN A 560 -29.38 37.54 -5.80
C ASN A 560 -29.99 38.81 -5.21
N PRO A 561 -30.25 38.87 -3.90
CA PRO A 561 -31.09 39.95 -3.39
C PRO A 561 -30.58 41.35 -3.68
N LYS A 562 -29.42 41.71 -3.16
CA LYS A 562 -28.95 43.08 -3.27
C LYS A 562 -27.59 43.20 -3.95
N ILE A 563 -26.62 42.41 -3.49
CA ILE A 563 -25.23 42.62 -3.87
C ILE A 563 -24.73 41.39 -4.62
N LEU A 564 -23.78 41.63 -5.52
CA LEU A 564 -23.17 40.57 -6.32
C LEU A 564 -21.70 40.86 -6.48
N LEU A 565 -20.87 39.86 -6.19
CA LEU A 565 -19.43 39.99 -6.31
C LEU A 565 -18.90 38.78 -7.07
N LEU A 566 -17.74 38.94 -7.70
CA LEU A 566 -17.10 37.81 -8.35
C LEU A 566 -15.59 37.90 -8.15
N ASP A 567 -14.99 36.78 -7.74
CA ASP A 567 -13.59 36.71 -7.37
C ASP A 567 -12.80 36.16 -8.55
N GLU A 568 -12.08 37.04 -9.25
CA GLU A 568 -11.26 36.65 -10.39
C GLU A 568 -12.03 35.67 -11.28
N ALA A 569 -13.23 36.07 -11.67
CA ALA A 569 -14.15 35.23 -12.42
C ALA A 569 -14.01 35.44 -13.92
N THR A 570 -12.83 35.84 -14.39
CA THR A 570 -12.62 36.17 -15.79
C THR A 570 -11.41 35.43 -16.36
N SER A 571 -10.43 35.15 -15.53
CA SER A 571 -9.21 34.50 -15.99
C SER A 571 -9.52 33.09 -16.46
N ALA A 572 -8.48 32.41 -16.94
CA ALA A 572 -8.58 31.02 -17.39
C ALA A 572 -9.69 30.85 -18.41
N LEU A 573 -9.85 31.84 -19.29
CA LEU A 573 -10.93 31.85 -20.27
C LEU A 573 -10.37 32.19 -21.65
N ASP A 574 -10.99 31.64 -22.68
CA ASP A 574 -10.60 31.96 -24.05
C ASP A 574 -11.10 33.36 -24.42
N ALA A 575 -10.58 33.87 -25.53
CA ALA A 575 -10.91 35.23 -25.94
C ALA A 575 -12.41 35.40 -26.15
N GLU A 576 -13.03 34.47 -26.87
CA GLU A 576 -14.47 34.55 -27.10
C GLU A 576 -15.23 34.46 -25.79
N SER A 577 -14.87 33.48 -24.96
CA SER A 577 -15.49 33.38 -23.64
C SER A 577 -15.22 34.63 -22.82
N GLU A 578 -14.01 35.18 -22.94
CA GLU A 578 -13.69 36.40 -22.21
C GLU A 578 -14.63 37.53 -22.58
N THR A 579 -14.82 37.75 -23.88
CA THR A 579 -15.72 38.82 -24.31
C THR A 579 -17.15 38.55 -23.85
N ILE A 580 -17.61 37.30 -24.01
CA ILE A 580 -18.99 36.99 -23.65
C ILE A 580 -19.22 37.22 -22.17
N VAL A 581 -18.30 36.75 -21.33
CA VAL A 581 -18.48 36.88 -19.89
C VAL A 581 -18.36 38.33 -19.47
N GLN A 582 -17.47 39.10 -20.11
CA GLN A 582 -17.39 40.53 -19.79
C GLN A 582 -18.70 41.22 -20.11
N ALA A 583 -19.29 40.91 -21.27
CA ALA A 583 -20.58 41.49 -21.61
C ALA A 583 -21.64 41.10 -20.60
N ALA A 584 -21.65 39.83 -20.20
CA ALA A 584 -22.64 39.37 -19.22
C ALA A 584 -22.47 40.10 -17.89
N LEU A 585 -21.23 40.22 -17.42
CA LEU A 585 -20.99 40.93 -16.16
C LEU A 585 -21.44 42.37 -16.27
N ASP A 586 -21.10 43.04 -17.37
CA ASP A 586 -21.53 44.42 -17.56
C ASP A 586 -23.04 44.50 -17.47
N LYS A 587 -23.74 43.63 -18.19
CA LYS A 587 -25.20 43.72 -18.23
C LYS A 587 -25.81 43.45 -16.86
N VAL A 588 -25.25 42.51 -16.11
CA VAL A 588 -25.81 42.20 -14.79
C VAL A 588 -25.39 43.17 -13.71
N ARG A 589 -24.39 44.03 -13.99
CA ARG A 589 -24.03 45.06 -13.02
C ARG A 589 -25.21 45.97 -12.74
N LEU A 590 -25.90 46.41 -13.80
CA LEU A 590 -27.00 47.34 -13.62
C LEU A 590 -28.07 46.73 -12.72
N GLY A 591 -28.59 47.55 -11.81
CA GLY A 591 -29.66 47.18 -10.92
C GLY A 591 -29.21 46.78 -9.53
N ARG A 592 -27.91 46.53 -9.34
CA ARG A 592 -27.40 46.07 -8.06
C ARG A 592 -25.99 46.60 -7.84
N THR A 593 -25.56 46.57 -6.59
CA THR A 593 -24.23 47.00 -6.21
C THR A 593 -23.24 45.86 -6.48
N THR A 594 -22.25 46.12 -7.31
CA THR A 594 -21.33 45.10 -7.78
C THR A 594 -19.89 45.50 -7.48
N ILE A 595 -19.13 44.57 -6.93
CA ILE A 595 -17.70 44.76 -6.69
C ILE A 595 -16.97 43.49 -7.08
N VAL A 596 -16.44 43.46 -8.30
CA VAL A 596 -15.87 42.24 -8.84
C VAL A 596 -14.35 42.30 -8.78
N VAL A 597 -13.73 41.20 -8.37
CA VAL A 597 -12.29 41.10 -8.37
C VAL A 597 -11.82 40.49 -9.69
N ALA A 598 -10.95 41.21 -10.40
CA ALA A 598 -10.46 40.76 -11.69
C ALA A 598 -9.28 41.64 -12.08
N HIS A 599 -8.58 41.21 -13.13
CA HIS A 599 -7.43 41.95 -13.65
C HIS A 599 -7.55 42.24 -15.14
N ARG A 600 -8.66 41.89 -15.77
CA ARG A 600 -8.78 42.10 -17.21
C ARG A 600 -8.85 43.59 -17.53
N LEU A 601 -8.49 43.92 -18.77
CA LEU A 601 -8.49 45.31 -19.19
C LEU A 601 -9.91 45.84 -19.37
N SER A 602 -10.82 45.01 -19.88
CA SER A 602 -12.20 45.47 -20.10
C SER A 602 -12.86 45.85 -18.78
N THR A 603 -12.84 44.93 -17.81
CA THR A 603 -13.39 45.26 -16.50
C THR A 603 -12.63 46.41 -15.85
N ILE A 604 -11.34 46.52 -16.14
CA ILE A 604 -10.53 47.61 -15.59
C ILE A 604 -11.06 48.96 -16.06
N ARG A 605 -11.24 49.10 -17.38
CA ARG A 605 -11.65 50.39 -17.92
C ARG A 605 -13.07 50.75 -17.52
N ASN A 606 -14.01 49.80 -17.63
CA ASN A 606 -15.37 50.05 -17.20
C ASN A 606 -15.40 50.07 -15.67
N ALA A 607 -15.96 51.14 -15.11
CA ALA A 607 -16.00 51.29 -13.67
C ALA A 607 -16.74 52.57 -13.34
N ASP A 608 -17.12 52.70 -12.07
CA ASP A 608 -17.69 53.92 -11.54
C ASP A 608 -16.96 54.40 -10.30
N VAL A 609 -16.43 53.47 -9.50
CA VAL A 609 -15.57 53.82 -8.37
C VAL A 609 -14.32 52.95 -8.45
N ILE A 610 -13.29 53.32 -7.70
CA ILE A 610 -12.03 52.60 -7.72
C ILE A 610 -11.68 52.18 -6.30
N ALA A 611 -11.05 51.01 -6.18
CA ALA A 611 -10.51 50.54 -4.91
C ALA A 611 -9.08 50.07 -5.12
N GLY A 612 -8.15 50.63 -4.35
CA GLY A 612 -6.75 50.33 -4.54
C GLY A 612 -6.03 49.88 -3.27
N PHE A 613 -5.55 48.63 -3.27
CA PHE A 613 -4.70 48.11 -2.20
C PHE A 613 -3.84 46.99 -2.83
N HIS A 614 -2.61 47.34 -3.17
CA HIS A 614 -1.76 46.41 -3.91
C HIS A 614 -1.17 45.34 -2.99
N LYS A 615 -1.01 45.65 -1.69
CA LYS A 615 -0.51 44.70 -0.71
C LYS A 615 -1.45 44.69 0.49
N GLY A 616 -2.66 45.19 0.29
CA GLY A 616 -3.57 45.40 1.40
C GLY A 616 -3.39 46.77 2.04
N ASP A 617 -3.29 47.80 1.21
CA ASP A 617 -3.12 49.18 1.66
C ASP A 617 -4.13 50.04 0.93
N VAL A 618 -5.26 50.33 1.59
CA VAL A 618 -6.31 51.11 0.95
C VAL A 618 -5.79 52.51 0.71
N ILE A 619 -5.65 52.89 -0.56
CA ILE A 619 -5.02 54.16 -0.91
C ILE A 619 -5.95 54.99 -1.79
N GLU A 620 -6.85 54.33 -2.51
CA GLU A 620 -7.71 55.01 -3.48
C GLU A 620 -9.15 54.54 -3.33
N LEU A 621 -10.07 55.48 -3.52
CA LEU A 621 -11.50 55.16 -3.48
C LEU A 621 -12.31 55.90 -4.53
N GLY A 622 -11.65 56.60 -5.46
CA GLY A 622 -12.36 57.52 -6.35
C GLY A 622 -12.29 57.20 -7.83
N THR A 623 -11.92 58.21 -8.62
CA THR A 623 -12.02 58.13 -10.07
C THR A 623 -10.89 57.30 -10.66
N HIS A 624 -11.07 56.95 -11.94
CA HIS A 624 -10.08 56.16 -12.66
C HIS A 624 -8.82 56.98 -12.92
N SER A 625 -8.98 58.24 -13.32
CA SER A 625 -7.81 59.08 -13.57
C SER A 625 -6.94 59.19 -12.33
N GLN A 626 -7.56 59.21 -11.14
CA GLN A 626 -6.79 59.22 -9.92
C GLN A 626 -5.94 57.96 -9.79
N LEU A 627 -6.52 56.81 -10.12
CA LEU A 627 -5.75 55.57 -10.08
C LEU A 627 -4.57 55.66 -11.02
N MET A 628 -4.81 56.15 -12.24
CA MET A 628 -3.71 56.37 -13.17
C MET A 628 -2.62 57.21 -12.53
N GLU A 629 -3.01 58.34 -11.96
CA GLU A 629 -2.04 59.21 -11.29
C GLU A 629 -1.33 58.52 -10.15
N LYS A 630 -1.93 57.46 -9.60
CA LYS A 630 -1.36 56.76 -8.45
C LYS A 630 -0.36 55.68 -8.84
N GLN A 631 0.22 55.78 -10.04
CA GLN A 631 1.26 54.86 -10.50
C GLN A 631 0.80 53.41 -10.48
N GLY A 632 -0.51 53.18 -10.43
CA GLY A 632 -1.01 51.82 -10.42
C GLY A 632 -0.64 51.08 -11.69
N VAL A 633 -1.16 49.85 -11.86
CA VAL A 633 -0.87 49.10 -13.07
C VAL A 633 -1.37 49.85 -14.30
N TYR A 634 -2.25 50.84 -14.12
CA TYR A 634 -2.73 51.63 -15.23
C TYR A 634 -1.60 52.46 -15.84
N TYR A 635 -0.48 52.60 -15.14
CA TYR A 635 0.72 53.17 -15.70
C TYR A 635 1.71 52.11 -16.19
N THR A 636 1.60 50.88 -15.70
CA THR A 636 2.37 49.75 -16.21
C THR A 636 1.51 48.86 -17.08
N LEU A 637 0.60 49.46 -17.85
CA LEU A 637 -0.32 48.75 -18.72
C LEU A 637 0.33 47.57 -19.42
N VAL A 638 1.61 47.69 -19.75
CA VAL A 638 2.35 46.61 -20.39
C VAL A 638 2.09 45.31 -19.63
N THR A 639 1.94 45.40 -18.32
CA THR A 639 1.62 44.25 -17.49
C THR A 639 0.33 43.59 -17.98
N VAL A 710 2.36 -13.17 -19.93
CA VAL A 710 2.65 -13.61 -18.57
C VAL A 710 1.86 -14.86 -18.23
N PRO A 711 2.08 -15.93 -18.99
CA PRO A 711 1.33 -17.16 -18.75
C PRO A 711 1.67 -17.74 -17.39
N PRO A 712 0.71 -17.78 -16.46
CA PRO A 712 1.01 -18.33 -15.13
C PRO A 712 1.71 -19.68 -15.23
N VAL A 713 2.97 -19.72 -14.81
CA VAL A 713 3.78 -20.91 -14.99
C VAL A 713 3.19 -22.07 -14.19
N SER A 714 3.28 -23.26 -14.76
CA SER A 714 2.72 -24.45 -14.14
C SER A 714 3.65 -24.97 -13.05
N PHE A 715 3.13 -25.91 -12.27
CA PHE A 715 3.92 -26.53 -11.21
C PHE A 715 5.15 -27.22 -11.78
N LEU A 716 4.98 -27.96 -12.87
CA LEU A 716 6.11 -28.73 -13.42
C LEU A 716 7.21 -27.81 -13.92
N LYS A 717 6.85 -26.74 -14.62
CA LYS A 717 7.87 -25.83 -15.11
C LYS A 717 8.62 -25.15 -13.97
N VAL A 718 7.93 -24.87 -12.86
CA VAL A 718 8.62 -24.30 -11.71
C VAL A 718 9.57 -25.33 -11.11
N MET A 719 9.12 -26.59 -10.99
CA MET A 719 9.99 -27.63 -10.47
C MET A 719 11.18 -27.90 -11.38
N ARG A 720 11.11 -27.50 -12.64
CA ARG A 720 12.23 -27.69 -13.54
C ARG A 720 13.48 -26.96 -13.05
N LEU A 721 13.33 -26.00 -12.14
CA LEU A 721 14.49 -25.29 -11.59
C LEU A 721 15.19 -26.08 -10.49
N ASN A 722 14.46 -26.77 -9.62
CA ASN A 722 15.05 -27.63 -8.60
C ASN A 722 15.28 -29.05 -9.09
N LEU A 723 14.98 -29.32 -10.37
CA LEU A 723 15.39 -30.58 -10.94
C LEU A 723 16.83 -30.92 -10.57
N SER A 724 17.67 -29.89 -10.42
CA SER A 724 19.08 -30.14 -10.11
C SER A 724 19.28 -30.58 -8.67
N GLU A 725 18.57 -29.96 -7.73
CA GLU A 725 18.71 -30.25 -6.31
C GLU A 725 17.77 -31.34 -5.82
N TRP A 726 17.10 -32.03 -6.75
CA TRP A 726 16.19 -33.10 -6.35
C TRP A 726 16.69 -34.01 -5.23
N PRO A 727 17.99 -34.33 -5.09
CA PRO A 727 18.37 -35.20 -3.96
C PRO A 727 17.93 -34.67 -2.61
N TYR A 728 18.03 -33.37 -2.36
CA TYR A 728 17.61 -32.83 -1.08
C TYR A 728 16.09 -32.82 -0.95
N MET A 729 15.39 -32.49 -2.04
CA MET A 729 13.95 -32.45 -2.01
C MET A 729 13.36 -33.83 -1.75
N ALA A 730 14.05 -34.89 -2.20
CA ALA A 730 13.53 -36.24 -1.99
C ALA A 730 13.52 -36.61 -0.51
N LEU A 731 14.65 -36.42 0.16
CA LEU A 731 14.68 -36.67 1.60
C LEU A 731 13.76 -35.71 2.35
N GLY A 732 13.65 -34.47 1.87
CA GLY A 732 12.71 -33.56 2.48
C GLY A 732 11.28 -34.08 2.42
N THR A 733 10.87 -34.57 1.25
CA THR A 733 9.52 -35.10 1.11
C THR A 733 9.33 -36.36 1.94
N PHE A 734 10.35 -37.22 2.01
CA PHE A 734 10.23 -38.42 2.83
C PHE A 734 10.05 -38.07 4.31
N CYS A 735 10.90 -37.18 4.82
CA CYS A 735 10.76 -36.80 6.22
C CYS A 735 9.45 -36.05 6.45
N ALA A 736 8.97 -35.31 5.45
CA ALA A 736 7.70 -34.62 5.58
C ALA A 736 6.54 -35.60 5.67
N ILE A 737 6.57 -36.65 4.85
CA ILE A 737 5.50 -37.64 4.92
C ILE A 737 5.55 -38.39 6.25
N ILE A 738 6.75 -38.62 6.77
CA ILE A 738 6.87 -39.21 8.10
C ILE A 738 6.26 -38.27 9.15
N ASN A 739 6.59 -36.98 9.05
CA ASN A 739 6.05 -35.99 9.98
C ASN A 739 4.53 -35.98 9.94
N GLY A 740 3.97 -36.03 8.74
CA GLY A 740 2.52 -36.04 8.62
C GLY A 740 1.90 -37.29 9.21
N MET A 741 2.48 -38.45 8.90
CA MET A 741 1.96 -39.69 9.43
C MET A 741 2.05 -39.74 10.95
N MET A 742 2.97 -38.98 11.55
CA MET A 742 3.08 -38.97 12.99
C MET A 742 1.79 -38.48 13.67
N GLN A 743 1.08 -37.55 13.03
CA GLN A 743 -0.17 -37.05 13.62
C GLN A 743 -1.21 -38.15 13.79
N PRO A 744 -1.54 -38.96 12.79
CA PRO A 744 -2.43 -40.09 13.03
C PRO A 744 -1.94 -41.03 14.12
N LEU A 745 -0.63 -41.22 14.23
CA LEU A 745 -0.11 -42.03 15.32
C LEU A 745 -0.43 -41.39 16.67
N PHE A 746 -0.39 -40.07 16.73
CA PHE A 746 -0.78 -39.38 17.96
C PHE A 746 -2.27 -39.59 18.24
N ALA A 747 -3.10 -39.58 17.21
CA ALA A 747 -4.52 -39.89 17.42
C ALA A 747 -4.69 -41.31 17.95
N VAL A 748 -3.96 -42.28 17.38
CA VAL A 748 -4.11 -43.67 17.80
C VAL A 748 -3.63 -43.85 19.23
N ILE A 749 -2.54 -43.16 19.60
CA ILE A 749 -2.07 -43.26 20.97
C ILE A 749 -3.07 -42.62 21.92
N PHE A 750 -3.74 -41.56 21.48
CA PHE A 750 -4.81 -40.98 22.29
C PHE A 750 -5.92 -41.99 22.53
N SER A 751 -6.32 -42.69 21.47
CA SER A 751 -7.34 -43.71 21.61
C SER A 751 -6.90 -44.79 22.59
N LYS A 752 -5.64 -45.22 22.49
CA LYS A 752 -5.17 -46.30 23.35
C LYS A 752 -5.06 -45.85 24.80
N ILE A 753 -4.61 -44.62 25.05
CA ILE A 753 -4.53 -44.15 26.42
C ILE A 753 -5.92 -44.05 27.02
N ILE A 754 -6.89 -43.57 26.24
CA ILE A 754 -8.26 -43.50 26.75
C ILE A 754 -8.76 -44.90 27.06
N ALA A 755 -8.51 -45.86 26.17
CA ALA A 755 -9.03 -47.20 26.37
C ALA A 755 -8.38 -47.90 27.56
N VAL A 756 -7.07 -47.67 27.76
CA VAL A 756 -6.32 -48.46 28.74
C VAL A 756 -6.56 -48.04 30.17
N PHE A 757 -7.46 -47.08 30.41
CA PHE A 757 -7.88 -46.73 31.76
C PHE A 757 -9.05 -47.59 32.22
N ALA A 758 -9.34 -48.69 31.53
CA ALA A 758 -10.44 -49.57 31.89
C ALA A 758 -9.94 -50.99 32.17
N GLU A 759 -8.71 -51.11 32.67
CA GLU A 759 -8.13 -52.41 32.97
C GLU A 759 -8.24 -52.69 34.46
N PRO A 760 -8.91 -53.78 34.87
CA PRO A 760 -9.06 -54.01 36.32
C PRO A 760 -7.73 -54.12 37.06
N ASN A 761 -6.71 -54.69 36.45
CA ASN A 761 -5.44 -54.88 37.13
C ASN A 761 -4.70 -53.54 37.22
N GLN A 762 -4.45 -53.09 38.45
CA GLN A 762 -3.84 -51.78 38.66
C GLN A 762 -2.42 -51.74 38.12
N GLU A 763 -1.63 -52.79 38.37
CA GLU A 763 -0.25 -52.81 37.91
C GLU A 763 -0.18 -52.70 36.39
N ILE A 764 -1.08 -53.39 35.69
CA ILE A 764 -1.13 -53.28 34.24
C ILE A 764 -1.45 -51.86 33.82
N VAL A 765 -2.33 -51.19 34.58
CA VAL A 765 -2.66 -49.80 34.27
C VAL A 765 -1.41 -48.94 34.40
N ARG A 766 -0.66 -49.11 35.48
CA ARG A 766 0.56 -48.31 35.66
C ARG A 766 1.53 -48.58 34.52
N GLN A 767 1.72 -49.85 34.17
CA GLN A 767 2.66 -50.18 33.11
C GLN A 767 2.25 -49.56 31.80
N LYS A 768 0.97 -49.70 31.43
CA LYS A 768 0.50 -49.16 30.16
C LYS A 768 0.54 -47.63 30.14
N SER A 769 0.18 -46.99 31.25
CA SER A 769 0.22 -45.53 31.29
C SER A 769 1.65 -45.03 31.18
N GLU A 770 2.58 -45.67 31.89
CA GLU A 770 3.99 -45.30 31.75
C GLU A 770 4.44 -45.47 30.31
N PHE A 771 4.11 -46.60 29.69
CA PHE A 771 4.56 -46.87 28.34
C PHE A 771 3.96 -45.87 27.35
N PHE A 772 2.69 -45.51 27.52
CA PHE A 772 2.06 -44.62 26.56
C PHE A 772 2.49 -43.17 26.76
N SER A 773 2.75 -42.75 28.00
CA SER A 773 3.38 -41.45 28.19
C SER A 773 4.76 -41.42 27.56
N LEU A 774 5.52 -42.50 27.73
CA LEU A 774 6.82 -42.60 27.08
C LEU A 774 6.69 -42.52 25.57
N MET A 775 5.68 -43.18 25.01
CA MET A 775 5.50 -43.15 23.56
C MET A 775 5.02 -41.78 23.08
N PHE A 776 4.28 -41.06 23.92
CA PHE A 776 3.99 -39.65 23.65
C PHE A 776 5.30 -38.86 23.53
N ALA A 777 6.19 -39.04 24.50
CA ALA A 777 7.48 -38.36 24.44
C ALA A 777 8.25 -38.81 23.20
N ALA A 778 8.13 -40.07 22.82
CA ALA A 778 8.82 -40.58 21.65
C ALA A 778 8.28 -39.94 20.37
N ILE A 779 6.96 -39.77 20.28
CA ILE A 779 6.39 -39.09 19.13
C ILE A 779 6.84 -37.64 19.09
N GLY A 780 6.94 -37.01 20.27
CA GLY A 780 7.50 -35.67 20.31
C GLY A 780 8.92 -35.62 19.79
N GLY A 781 9.75 -36.57 20.22
CA GLY A 781 11.13 -36.59 19.77
C GLY A 781 11.26 -36.89 18.29
N VAL A 782 10.44 -37.81 17.79
CA VAL A 782 10.44 -38.11 16.36
C VAL A 782 10.03 -36.88 15.58
N THR A 783 8.99 -36.18 16.03
CA THR A 783 8.58 -34.94 15.37
C THR A 783 9.71 -33.92 15.42
N PHE A 784 10.43 -33.84 16.54
CA PHE A 784 11.50 -32.87 16.67
C PHE A 784 12.64 -33.15 15.70
N VAL A 785 13.11 -34.40 15.68
CA VAL A 785 14.21 -34.72 14.78
C VAL A 785 13.76 -34.64 13.32
N THR A 786 12.51 -35.01 13.03
CA THR A 786 12.02 -34.93 11.66
C THR A 786 11.86 -33.48 11.21
N MET A 787 11.39 -32.61 12.10
CA MET A 787 11.32 -31.20 11.78
C MET A 787 12.72 -30.64 11.56
N PHE A 788 13.69 -31.08 12.37
CA PHE A 788 15.06 -30.63 12.18
C PHE A 788 15.61 -31.07 10.82
N LEU A 789 15.40 -32.33 10.47
CA LEU A 789 15.87 -32.82 9.17
C LEU A 789 15.14 -32.12 8.03
N GLN A 790 13.82 -31.96 8.15
CA GLN A 790 13.03 -31.24 7.16
C GLN A 790 13.58 -29.85 6.95
N GLY A 791 13.82 -29.14 8.05
CA GLY A 791 14.39 -27.82 7.97
C GLY A 791 15.69 -27.88 7.20
N PHE A 792 16.58 -28.79 7.57
CA PHE A 792 17.89 -28.83 6.93
C PHE A 792 17.75 -29.00 5.42
N CYS A 793 17.06 -30.04 4.99
CA CYS A 793 17.02 -30.35 3.56
C CYS A 793 16.22 -29.33 2.77
N PHE A 794 15.06 -28.89 3.25
CA PHE A 794 14.28 -27.94 2.48
C PHE A 794 14.93 -26.57 2.48
N GLY A 795 15.57 -26.19 3.58
CA GLY A 795 16.33 -24.95 3.57
C GLY A 795 17.46 -25.01 2.56
N LYS A 796 18.22 -26.11 2.54
CA LYS A 796 19.33 -26.19 1.60
C LYS A 796 18.82 -26.16 0.16
N SER A 797 17.76 -26.89 -0.14
CA SER A 797 17.20 -26.86 -1.48
C SER A 797 16.70 -25.47 -1.85
N GLY A 798 16.00 -24.82 -0.93
CA GLY A 798 15.48 -23.49 -1.21
C GLY A 798 16.59 -22.48 -1.43
N GLU A 799 17.65 -22.56 -0.63
CA GLU A 799 18.75 -21.62 -0.80
C GLU A 799 19.50 -21.89 -2.10
N LEU A 800 19.69 -23.16 -2.46
CA LEU A 800 20.32 -23.46 -3.73
C LEU A 800 19.48 -22.93 -4.90
N LEU A 801 18.17 -23.13 -4.81
CA LEU A 801 17.27 -22.60 -5.84
C LEU A 801 17.35 -21.08 -5.88
N THR A 802 17.40 -20.44 -4.72
CA THR A 802 17.47 -18.98 -4.68
C THR A 802 18.77 -18.48 -5.29
N LEU A 803 19.88 -19.13 -4.98
CA LEU A 803 21.16 -18.73 -5.56
C LEU A 803 21.13 -18.91 -7.08
N LYS A 804 20.63 -20.05 -7.54
CA LYS A 804 20.56 -20.29 -8.99
C LYS A 804 19.66 -19.27 -9.66
N LEU A 805 18.49 -19.00 -9.08
CA LEU A 805 17.56 -18.05 -9.68
C LEU A 805 18.13 -16.64 -9.68
N ARG A 806 18.76 -16.24 -8.58
CA ARG A 806 19.35 -14.90 -8.54
C ARG A 806 20.48 -14.77 -9.55
N LEU A 807 21.33 -15.79 -9.66
CA LEU A 807 22.43 -15.72 -10.62
C LEU A 807 21.90 -15.70 -12.06
N GLY A 808 20.90 -16.54 -12.36
CA GLY A 808 20.33 -16.54 -13.70
C GLY A 808 19.63 -15.24 -14.02
N ALA A 809 18.88 -14.70 -13.06
CA ALA A 809 18.21 -13.42 -13.26
C ALA A 809 19.23 -12.31 -13.49
N PHE A 810 20.31 -12.31 -12.73
CA PHE A 810 21.33 -11.29 -12.91
C PHE A 810 22.01 -11.42 -14.26
N LYS A 811 22.31 -12.66 -14.67
CA LYS A 811 22.91 -12.86 -15.99
C LYS A 811 21.97 -12.37 -17.09
N SER A 812 20.68 -12.68 -16.97
CA SER A 812 19.73 -12.21 -17.97
C SER A 812 19.65 -10.68 -17.96
N MET A 813 19.70 -10.08 -16.77
CA MET A 813 19.71 -8.63 -16.69
C MET A 813 20.88 -8.05 -17.46
N MET A 814 22.08 -8.56 -17.19
CA MET A 814 23.27 -7.97 -17.81
C MET A 814 23.24 -8.10 -19.33
N ARG A 815 22.91 -9.29 -19.83
CA ARG A 815 22.94 -9.53 -21.27
C ARG A 815 21.90 -8.73 -22.04
N GLN A 816 20.79 -8.37 -21.39
CA GLN A 816 19.66 -7.76 -22.09
C GLN A 816 19.97 -6.32 -22.51
N ASP A 817 19.10 -5.80 -23.36
CA ASP A 817 19.34 -4.52 -24.02
C ASP A 817 19.27 -3.36 -23.05
N LEU A 818 19.93 -2.26 -23.41
CA LEU A 818 19.97 -1.09 -22.54
C LEU A 818 18.65 -0.35 -22.55
N GLY A 819 18.04 -0.19 -23.74
CA GLY A 819 16.76 0.51 -23.81
C GLY A 819 15.68 -0.20 -23.03
N TRP A 820 15.92 -1.47 -22.68
CA TRP A 820 14.98 -2.21 -21.85
C TRP A 820 14.82 -1.53 -20.49
N PHE A 821 15.94 -1.12 -19.89
CA PHE A 821 15.97 -0.83 -18.45
C PHE A 821 15.27 0.47 -18.11
N ASP A 822 15.50 1.53 -18.89
CA ASP A 822 14.93 2.83 -18.58
C ASP A 822 13.41 2.83 -18.54
N ASN A 823 12.77 1.73 -18.93
CA ASN A 823 11.32 1.63 -18.82
C ASN A 823 10.90 1.80 -17.36
N PRO A 824 9.79 2.51 -17.09
CA PRO A 824 9.42 2.75 -15.69
C PRO A 824 9.26 1.47 -14.87
N LYS A 825 8.68 0.43 -15.45
CA LYS A 825 8.51 -0.81 -14.71
C LYS A 825 9.83 -1.55 -14.53
N ASN A 826 10.87 -1.17 -15.26
CA ASN A 826 12.21 -1.73 -15.10
C ASN A 826 13.10 -0.83 -14.25
N SER A 827 12.50 -0.03 -13.37
CA SER A 827 13.28 0.88 -12.54
C SER A 827 14.25 0.10 -11.68
N VAL A 828 15.34 0.77 -11.30
CA VAL A 828 16.34 0.11 -10.46
C VAL A 828 15.70 -0.39 -9.18
N GLY A 829 14.82 0.40 -8.59
CA GLY A 829 14.11 -0.05 -7.40
C GLY A 829 13.28 -1.28 -7.66
N ALA A 830 12.58 -1.31 -8.79
CA ALA A 830 11.75 -2.47 -9.12
C ALA A 830 12.58 -3.73 -9.24
N LEU A 831 13.69 -3.66 -9.98
CA LEU A 831 14.53 -4.84 -10.13
C LEU A 831 15.15 -5.26 -8.80
N THR A 832 15.60 -4.29 -8.01
CA THR A 832 16.21 -4.62 -6.73
C THR A 832 15.20 -5.32 -5.81
N THR A 833 13.99 -4.77 -5.71
CA THR A 833 12.99 -5.40 -4.86
C THR A 833 12.58 -6.76 -5.41
N ARG A 834 12.50 -6.90 -6.74
CA ARG A 834 12.21 -8.20 -7.32
C ARG A 834 13.27 -9.21 -6.90
N LEU A 835 14.54 -8.88 -7.09
CA LEU A 835 15.61 -9.80 -6.72
C LEU A 835 15.56 -10.14 -5.24
N ALA A 836 15.34 -9.13 -4.39
CA ALA A 836 15.33 -9.38 -2.96
C ALA A 836 14.18 -10.29 -2.55
N THR A 837 12.97 -9.98 -3.03
CA THR A 837 11.77 -10.62 -2.51
C THR A 837 11.36 -11.84 -3.34
N ASP A 838 11.10 -11.65 -4.64
CA ASP A 838 10.57 -12.73 -5.45
C ASP A 838 11.51 -13.93 -5.46
N ALA A 839 12.82 -13.69 -5.38
CA ALA A 839 13.76 -14.81 -5.36
C ALA A 839 13.46 -15.74 -4.19
N ALA A 840 13.35 -15.18 -2.98
CA ALA A 840 13.01 -16.00 -1.82
C ALA A 840 11.60 -16.55 -1.95
N GLN A 841 10.67 -15.75 -2.47
CA GLN A 841 9.30 -16.20 -2.61
C GLN A 841 9.21 -17.47 -3.45
N VAL A 842 10.05 -17.58 -4.49
CA VAL A 842 9.99 -18.73 -5.38
C VAL A 842 10.23 -20.03 -4.62
N GLN A 843 10.90 -19.96 -3.48
CA GLN A 843 11.01 -21.15 -2.62
C GLN A 843 9.65 -21.65 -2.20
N GLY A 844 8.64 -20.78 -2.22
CA GLY A 844 7.31 -21.14 -1.79
C GLY A 844 6.57 -22.03 -2.75
N ALA A 845 7.16 -22.38 -3.90
CA ALA A 845 6.43 -23.15 -4.89
C ALA A 845 7.22 -24.34 -5.43
N THR A 846 8.37 -24.69 -4.85
CA THR A 846 9.12 -25.84 -5.31
C THR A 846 9.23 -26.94 -4.26
N GLY A 847 9.81 -26.66 -3.10
CA GLY A 847 9.99 -27.67 -2.09
C GLY A 847 8.99 -27.57 -0.96
N VAL A 848 8.85 -26.37 -0.40
CA VAL A 848 7.99 -26.20 0.76
C VAL A 848 6.53 -26.40 0.38
N ARG A 849 6.15 -25.98 -0.82
CA ARG A 849 4.81 -26.28 -1.31
C ARG A 849 4.61 -27.78 -1.44
N MET A 850 5.59 -28.45 -2.06
CA MET A 850 5.53 -29.90 -2.17
C MET A 850 5.53 -30.55 -0.79
N ALA A 851 6.34 -30.03 0.12
CA ALA A 851 6.40 -30.58 1.48
C ALA A 851 5.06 -30.46 2.18
N THR A 852 4.46 -29.28 2.12
CA THR A 852 3.19 -29.05 2.81
C THR A 852 2.10 -29.92 2.21
N LEU A 853 2.03 -29.99 0.88
CA LEU A 853 1.00 -30.80 0.25
C LEU A 853 1.21 -32.28 0.56
N ALA A 854 2.46 -32.74 0.57
CA ALA A 854 2.74 -34.12 0.92
C ALA A 854 2.37 -34.42 2.36
N GLN A 855 2.71 -33.50 3.28
CA GLN A 855 2.33 -33.69 4.67
C GLN A 855 0.83 -33.78 4.82
N ASN A 856 0.10 -32.86 4.18
CA ASN A 856 -1.35 -32.88 4.28
C ASN A 856 -1.93 -34.15 3.67
N ILE A 857 -1.41 -34.57 2.52
CA ILE A 857 -1.93 -35.76 1.86
C ILE A 857 -1.67 -36.98 2.72
N ALA A 858 -0.46 -37.12 3.26
CA ALA A 858 -0.17 -38.24 4.14
C ALA A 858 -1.06 -38.20 5.37
N ASN A 859 -1.22 -37.03 5.98
CA ASN A 859 -2.04 -36.92 7.18
C ASN A 859 -3.46 -37.38 6.90
N LEU A 860 -4.09 -36.82 5.87
CA LEU A 860 -5.49 -37.16 5.62
C LEU A 860 -5.63 -38.59 5.11
N GLY A 861 -4.73 -39.03 4.23
CA GLY A 861 -4.84 -40.38 3.72
C GLY A 861 -4.68 -41.42 4.82
N THR A 862 -3.68 -41.24 5.66
CA THR A 862 -3.48 -42.16 6.78
C THR A 862 -4.66 -42.11 7.73
N SER A 863 -5.14 -40.91 8.06
CA SER A 863 -6.26 -40.81 8.98
C SER A 863 -7.49 -41.49 8.40
N ILE A 864 -7.77 -41.26 7.12
CA ILE A 864 -8.94 -41.84 6.48
C ILE A 864 -8.81 -43.35 6.41
N ILE A 865 -7.62 -43.84 6.09
CA ILE A 865 -7.42 -45.28 5.99
C ILE A 865 -7.60 -45.93 7.35
N ILE A 866 -7.01 -45.33 8.39
CA ILE A 866 -7.15 -45.88 9.74
C ILE A 866 -8.60 -45.88 10.15
N SER A 867 -9.30 -44.78 9.91
CA SER A 867 -10.72 -44.70 10.27
C SER A 867 -11.54 -45.72 9.49
N PHE A 868 -11.27 -45.87 8.19
CA PHE A 868 -12.00 -46.83 7.37
C PHE A 868 -11.82 -48.23 7.92
N VAL A 869 -10.57 -48.59 8.22
CA VAL A 869 -10.25 -49.91 8.73
C VAL A 869 -10.96 -50.16 10.05
N TYR A 870 -10.95 -49.17 10.94
CA TYR A 870 -11.61 -49.37 12.23
C TYR A 870 -13.12 -49.51 12.05
N GLY A 871 -13.73 -48.63 11.28
CA GLY A 871 -15.04 -48.93 10.74
C GLY A 871 -15.52 -47.95 9.68
N TRP A 872 -15.76 -48.51 8.49
CA TRP A 872 -16.23 -47.69 7.37
C TRP A 872 -17.55 -46.99 7.68
N GLU A 873 -18.34 -47.49 8.62
CA GLU A 873 -19.63 -46.85 8.91
C GLU A 873 -19.43 -45.46 9.49
N LEU A 874 -18.78 -45.38 10.64
CA LEU A 874 -18.52 -44.09 11.24
C LEU A 874 -17.60 -43.25 10.37
N THR A 875 -16.69 -43.90 9.64
CA THR A 875 -15.88 -43.15 8.68
C THR A 875 -16.78 -42.41 7.70
N LEU A 876 -17.75 -43.12 7.14
CA LEU A 876 -18.65 -42.51 6.17
C LEU A 876 -19.49 -41.41 6.80
N LEU A 877 -19.98 -41.62 8.02
CA LEU A 877 -20.82 -40.59 8.63
C LEU A 877 -20.02 -39.30 8.85
N ILE A 878 -18.84 -39.41 9.45
CA ILE A 878 -18.05 -38.22 9.71
C ILE A 878 -17.61 -37.57 8.40
N LEU A 879 -17.25 -38.39 7.42
CA LEU A 879 -16.87 -37.83 6.13
C LEU A 879 -18.03 -37.10 5.49
N SER A 880 -19.24 -37.67 5.57
CA SER A 880 -20.39 -37.05 4.94
C SER A 880 -20.76 -35.75 5.63
N VAL A 881 -20.53 -35.65 6.94
CA VAL A 881 -20.79 -34.36 7.58
C VAL A 881 -19.69 -33.36 7.24
N VAL A 882 -18.48 -33.82 6.92
CA VAL A 882 -17.39 -32.89 6.61
C VAL A 882 -17.79 -31.87 5.56
N PRO A 883 -18.46 -32.24 4.46
CA PRO A 883 -18.91 -31.21 3.51
C PRO A 883 -19.74 -30.12 4.16
N ILE A 884 -20.66 -30.47 5.05
CA ILE A 884 -21.60 -29.48 5.57
C ILE A 884 -20.87 -28.31 6.20
N MET A 885 -19.67 -28.53 6.76
CA MET A 885 -18.93 -27.40 7.32
C MET A 885 -18.69 -26.30 6.30
N ALA A 886 -18.15 -26.65 5.13
CA ALA A 886 -17.69 -25.64 4.17
C ALA A 886 -18.67 -25.40 3.04
N VAL A 887 -19.26 -26.46 2.49
CA VAL A 887 -20.16 -26.30 1.34
C VAL A 887 -21.31 -25.36 1.67
N ALA A 888 -21.71 -25.30 2.95
CA ALA A 888 -22.74 -24.35 3.34
C ALA A 888 -22.31 -22.93 3.03
N GLY A 889 -21.01 -22.69 2.92
CA GLY A 889 -20.50 -21.36 2.61
C GLY A 889 -20.79 -20.90 1.20
N SER A 890 -21.33 -21.77 0.35
CA SER A 890 -21.68 -21.33 -0.99
C SER A 890 -22.73 -20.24 -0.96
N VAL A 891 -23.75 -20.40 -0.13
CA VAL A 891 -24.75 -19.35 0.04
C VAL A 891 -24.12 -18.09 0.62
N GLN A 892 -23.16 -18.28 1.53
CA GLN A 892 -22.45 -17.13 2.09
C GLN A 892 -21.76 -16.34 1.00
N MET A 893 -21.04 -17.02 0.11
CA MET A 893 -20.37 -16.32 -0.99
C MET A 893 -21.38 -15.68 -1.93
N GLN A 894 -22.49 -16.37 -2.19
CA GLN A 894 -23.52 -15.80 -3.07
C GLN A 894 -24.02 -14.47 -2.52
N LEU A 895 -24.33 -14.43 -1.22
CA LEU A 895 -24.84 -13.20 -0.64
C LEU A 895 -23.73 -12.22 -0.30
N LEU A 896 -22.47 -12.67 -0.35
CA LEU A 896 -21.36 -11.82 0.05
C LEU A 896 -20.73 -11.13 -1.16
N ALA A 897 -20.91 -11.70 -2.35
CA ALA A 897 -20.50 -10.99 -3.56
C ALA A 897 -21.26 -9.68 -3.68
N GLY A 898 -22.57 -9.71 -3.43
CA GLY A 898 -23.33 -8.47 -3.39
C GLY A 898 -22.82 -7.54 -2.31
N HIS A 899 -22.42 -8.09 -1.16
CA HIS A 899 -21.89 -7.25 -0.08
C HIS A 899 -20.64 -6.51 -0.54
N ALA A 900 -19.69 -7.24 -1.12
CA ALA A 900 -18.45 -6.60 -1.56
C ALA A 900 -18.73 -5.57 -2.64
N ALA A 901 -19.60 -5.91 -3.58
CA ALA A 901 -19.93 -4.98 -4.64
C ALA A 901 -20.52 -3.69 -4.09
N GLU A 902 -21.51 -3.82 -3.20
CA GLU A 902 -22.15 -2.63 -2.66
C GLU A 902 -21.15 -1.86 -1.82
N ASP A 903 -20.29 -2.55 -1.08
CA ASP A 903 -19.31 -1.86 -0.27
C ASP A 903 -18.45 -0.96 -1.15
N LYS A 904 -17.81 -1.54 -2.17
CA LYS A 904 -16.91 -0.72 -2.98
C LYS A 904 -17.68 0.40 -3.66
N LYS A 905 -18.82 0.09 -4.28
CA LYS A 905 -19.51 1.08 -5.09
C LYS A 905 -20.07 2.20 -4.22
N GLU A 906 -20.71 1.84 -3.12
CA GLU A 906 -21.37 2.84 -2.31
C GLU A 906 -20.37 3.68 -1.55
N LEU A 907 -19.33 3.05 -0.99
CA LEU A 907 -18.25 3.85 -0.44
C LEU A 907 -17.75 4.84 -1.48
N GLU A 908 -17.44 4.36 -2.69
CA GLU A 908 -16.93 5.26 -3.71
C GLU A 908 -17.86 6.43 -3.97
N LYS A 909 -19.16 6.20 -4.18
CA LYS A 909 -20.00 7.31 -4.64
C LYS A 909 -20.41 8.22 -3.49
N ALA A 910 -20.73 7.66 -2.33
CA ALA A 910 -21.02 8.50 -1.17
C ALA A 910 -19.80 9.35 -0.79
N GLY A 911 -18.62 8.73 -0.78
CA GLY A 911 -17.42 9.51 -0.54
C GLY A 911 -17.12 10.46 -1.67
N LYS A 912 -17.61 10.17 -2.87
CA LYS A 912 -17.42 11.11 -3.97
C LYS A 912 -18.23 12.38 -3.76
N ILE A 913 -19.48 12.24 -3.34
CA ILE A 913 -20.25 13.44 -3.01
C ILE A 913 -19.67 14.12 -1.78
N ALA A 914 -19.13 13.34 -0.84
CA ALA A 914 -18.46 13.95 0.31
C ALA A 914 -17.24 14.77 -0.12
N THR A 915 -16.45 14.23 -1.05
CA THR A 915 -15.28 14.94 -1.54
C THR A 915 -15.69 16.16 -2.34
N GLU A 916 -16.79 16.06 -3.09
CA GLU A 916 -17.30 17.24 -3.78
C GLU A 916 -17.68 18.33 -2.77
N ALA A 917 -18.35 17.93 -1.69
CA ALA A 917 -18.76 18.91 -0.69
C ALA A 917 -17.56 19.56 -0.02
N ILE A 918 -16.63 18.75 0.48
CA ILE A 918 -15.51 19.29 1.23
C ILE A 918 -14.58 20.07 0.33
N GLU A 919 -14.22 19.48 -0.82
CA GLU A 919 -13.26 20.12 -1.71
C GLU A 919 -13.79 21.45 -2.23
N ASN A 920 -15.10 21.56 -2.43
CA ASN A 920 -15.73 22.82 -2.82
C ASN A 920 -16.44 23.46 -1.64
N ILE A 921 -15.84 23.38 -0.45
CA ILE A 921 -16.46 23.99 0.72
C ILE A 921 -16.72 25.47 0.48
N ARG A 922 -15.81 26.14 -0.22
CA ARG A 922 -16.01 27.56 -0.53
C ARG A 922 -17.37 27.76 -1.18
N THR A 923 -17.59 27.12 -2.33
CA THR A 923 -18.86 27.29 -3.03
C THR A 923 -20.02 26.72 -2.24
N VAL A 924 -19.83 25.54 -1.64
CA VAL A 924 -20.94 24.90 -0.94
C VAL A 924 -21.48 25.82 0.15
N ALA A 925 -20.59 26.43 0.93
CA ALA A 925 -21.04 27.39 1.94
C ALA A 925 -21.58 28.64 1.29
N SER A 926 -20.85 29.21 0.31
CA SER A 926 -21.30 30.43 -0.34
C SER A 926 -22.66 30.22 -1.00
N LEU A 927 -22.91 29.04 -1.54
CA LEU A 927 -24.24 28.69 -2.02
C LEU A 927 -25.26 28.64 -0.90
N THR A 928 -24.83 28.50 0.36
CA THR A 928 -25.73 28.41 1.48
C THR A 928 -26.61 27.17 1.38
N ARG A 929 -26.12 26.16 0.66
CA ARG A 929 -26.87 24.94 0.39
C ARG A 929 -26.19 23.74 1.02
N GLU A 930 -25.63 23.90 2.21
CA GLU A 930 -25.13 22.74 2.95
C GLU A 930 -26.21 21.72 3.20
N PRO A 931 -27.43 22.09 3.63
CA PRO A 931 -28.45 21.07 3.89
C PRO A 931 -28.78 20.22 2.68
N LYS A 932 -28.73 20.81 1.49
CA LYS A 932 -29.04 20.04 0.28
C LYS A 932 -27.99 18.97 0.02
N PHE A 933 -26.71 19.31 0.23
CA PHE A 933 -25.67 18.30 0.15
C PHE A 933 -25.85 17.24 1.22
N GLU A 934 -26.24 17.65 2.43
CA GLU A 934 -26.51 16.68 3.48
C GLU A 934 -27.61 15.70 3.05
N SER A 935 -28.68 16.23 2.46
CA SER A 935 -29.78 15.37 2.05
C SER A 935 -29.34 14.39 0.97
N LEU A 936 -28.54 14.87 0.01
CA LEU A 936 -28.02 13.96 -1.01
C LEU A 936 -27.16 12.88 -0.38
N TYR A 937 -26.31 13.25 0.57
CA TYR A 937 -25.46 12.26 1.24
C TYR A 937 -26.29 11.21 1.95
N GLN A 938 -27.33 11.64 2.67
CA GLN A 938 -28.17 10.70 3.40
C GLN A 938 -28.90 9.76 2.44
N GLU A 939 -29.47 10.33 1.38
CA GLU A 939 -30.19 9.49 0.43
C GLU A 939 -29.27 8.46 -0.20
N ASN A 940 -28.02 8.84 -0.45
CA ASN A 940 -27.05 7.86 -0.94
C ASN A 940 -26.78 6.80 0.12
N LEU A 941 -26.66 7.21 1.38
CA LEU A 941 -26.38 6.26 2.46
C LEU A 941 -27.50 5.25 2.67
N HIS A 942 -28.71 5.56 2.23
CA HIS A 942 -29.85 4.68 2.51
C HIS A 942 -29.58 3.23 2.10
N VAL A 943 -29.19 3.02 0.84
CA VAL A 943 -29.04 1.64 0.34
C VAL A 943 -27.95 0.88 1.07
N PRO A 944 -26.78 1.46 1.34
CA PRO A 944 -25.78 0.74 2.14
C PRO A 944 -26.31 0.27 3.47
N TYR A 945 -27.22 1.01 4.09
CA TYR A 945 -27.76 0.60 5.38
C TYR A 945 -28.53 -0.71 5.25
N LYS A 946 -29.39 -0.80 4.25
CA LYS A 946 -30.14 -2.05 4.02
C LYS A 946 -29.18 -3.19 3.71
N ASN A 947 -28.19 -2.93 2.86
CA ASN A 947 -27.25 -3.99 2.52
C ASN A 947 -26.44 -4.42 3.75
N SER A 948 -26.14 -3.48 4.64
CA SER A 948 -25.42 -3.81 5.86
C SER A 948 -26.28 -4.68 6.78
N GLN A 949 -27.58 -4.38 6.88
CA GLN A 949 -28.44 -5.23 7.69
C GLN A 949 -28.54 -6.63 7.09
N LYS A 950 -28.66 -6.72 5.77
CA LYS A 950 -28.68 -8.04 5.13
C LYS A 950 -27.38 -8.79 5.37
N LYS A 951 -26.25 -8.10 5.25
CA LYS A 951 -24.94 -8.71 5.51
C LYS A 951 -24.88 -9.19 6.95
N ALA A 952 -25.33 -8.36 7.89
CA ALA A 952 -25.36 -8.77 9.28
C ALA A 952 -26.12 -10.08 9.44
N HIS A 953 -27.33 -10.14 8.89
CA HIS A 953 -28.16 -11.34 9.08
C HIS A 953 -27.53 -12.57 8.42
N VAL A 954 -27.02 -12.43 7.20
CA VAL A 954 -26.50 -13.60 6.51
C VAL A 954 -25.22 -14.09 7.18
N TYR A 955 -24.32 -13.18 7.54
CA TYR A 955 -23.14 -13.57 8.28
C TYR A 955 -23.52 -14.21 9.59
N GLY A 956 -24.57 -13.72 10.24
CA GLY A 956 -25.00 -14.30 11.49
C GLY A 956 -25.45 -15.73 11.32
N PHE A 957 -26.26 -15.99 10.29
CA PHE A 957 -26.71 -17.36 10.08
C PHE A 957 -25.54 -18.27 9.75
N THR A 958 -24.62 -17.83 8.90
CA THR A 958 -23.49 -18.66 8.54
C THR A 958 -22.63 -18.97 9.76
N PHE A 959 -22.35 -17.96 10.58
CA PHE A 959 -21.55 -18.18 11.78
C PHE A 959 -22.26 -19.11 12.75
N SER A 960 -23.56 -18.93 12.93
CA SER A 960 -24.30 -19.78 13.85
C SER A 960 -24.26 -21.22 13.38
N PHE A 961 -24.42 -21.45 12.09
CA PHE A 961 -24.37 -22.83 11.60
C PHE A 961 -22.98 -23.41 11.76
N SER A 962 -21.94 -22.63 11.46
CA SER A 962 -20.59 -23.14 11.64
C SER A 962 -20.34 -23.53 13.09
N GLN A 963 -20.88 -22.75 14.03
CA GLN A 963 -20.66 -23.04 15.45
C GLN A 963 -21.48 -24.23 15.92
N ALA A 964 -22.74 -24.34 15.50
CA ALA A 964 -23.60 -25.43 15.98
C ALA A 964 -23.32 -26.75 15.29
N MET A 965 -22.69 -26.73 14.11
CA MET A 965 -22.44 -27.97 13.41
C MET A 965 -21.49 -28.87 14.17
N ILE A 966 -20.50 -28.30 14.86
CA ILE A 966 -19.55 -29.13 15.59
C ILE A 966 -20.28 -29.87 16.71
N TYR A 967 -21.15 -29.17 17.45
CA TYR A 967 -21.93 -29.83 18.49
C TYR A 967 -22.81 -30.93 17.91
N PHE A 968 -23.51 -30.61 16.83
CA PHE A 968 -24.41 -31.59 16.23
C PHE A 968 -23.65 -32.81 15.74
N ALA A 969 -22.49 -32.59 15.13
CA ALA A 969 -21.68 -33.71 14.65
C ALA A 969 -21.22 -34.57 15.82
N TYR A 970 -20.77 -33.95 16.91
CA TYR A 970 -20.43 -34.73 18.09
C TYR A 970 -21.59 -35.62 18.49
N ALA A 971 -22.77 -35.03 18.64
CA ALA A 971 -23.92 -35.80 19.11
C ALA A 971 -24.19 -36.98 18.19
N GLY A 972 -24.35 -36.70 16.90
CA GLY A 972 -24.72 -37.75 15.98
C GLY A 972 -23.68 -38.85 15.88
N CYS A 973 -22.41 -38.46 15.74
CA CYS A 973 -21.37 -39.45 15.59
C CYS A 973 -21.26 -40.33 16.82
N PHE A 974 -21.37 -39.74 18.02
CA PHE A 974 -21.22 -40.55 19.22
C PHE A 974 -22.42 -41.48 19.41
N ARG A 975 -23.63 -41.02 19.09
CA ARG A 975 -24.78 -41.92 19.15
C ARG A 975 -24.61 -43.09 18.18
N PHE A 976 -24.18 -42.80 16.95
CA PHE A 976 -23.93 -43.86 16.00
C PHE A 976 -22.88 -44.82 16.52
N GLY A 977 -21.81 -44.29 17.10
CA GLY A 977 -20.76 -45.14 17.64
C GLY A 977 -21.27 -46.04 18.74
N ALA A 978 -22.15 -45.52 19.59
CA ALA A 978 -22.78 -46.36 20.61
C ALA A 978 -23.54 -47.51 19.95
N TRP A 979 -24.31 -47.20 18.91
CA TRP A 979 -25.04 -48.27 18.22
C TRP A 979 -24.08 -49.32 17.69
N LEU A 980 -23.08 -48.89 16.92
CA LEU A 980 -22.14 -49.86 16.35
C LEU A 980 -21.44 -50.66 17.43
N ILE A 981 -21.14 -50.03 18.57
CA ILE A 981 -20.52 -50.74 19.67
C ILE A 981 -21.42 -51.86 20.15
N LYS A 982 -22.71 -51.56 20.33
CA LYS A 982 -23.63 -52.59 20.79
C LYS A 982 -23.74 -53.73 19.76
N GLU A 983 -23.82 -53.38 18.48
CA GLU A 983 -23.93 -54.41 17.45
C GLU A 983 -22.72 -55.33 17.47
N GLY A 984 -21.53 -54.76 17.69
CA GLY A 984 -20.31 -55.54 17.78
C GLY A 984 -19.29 -55.25 16.70
N ARG A 985 -19.56 -54.33 15.77
CA ARG A 985 -18.59 -54.04 14.72
C ARG A 985 -17.44 -53.17 15.24
N MET A 986 -17.70 -52.30 16.21
CA MET A 986 -16.67 -51.40 16.73
C MET A 986 -16.36 -51.58 18.21
N ASP A 987 -15.08 -51.61 18.52
CA ASP A 987 -14.59 -51.76 19.88
C ASP A 987 -14.75 -50.44 20.62
N ALA A 988 -14.62 -50.50 21.96
CA ALA A 988 -14.77 -49.31 22.77
C ALA A 988 -13.91 -48.16 22.26
N GLU A 989 -12.65 -48.43 21.96
CA GLU A 989 -11.77 -47.38 21.48
C GLU A 989 -11.90 -47.12 19.99
N GLY A 990 -12.70 -47.92 19.28
CA GLY A 990 -12.86 -47.68 17.85
C GLY A 990 -13.48 -46.33 17.58
N VAL A 991 -14.55 -46.00 18.30
CA VAL A 991 -15.21 -44.72 18.11
C VAL A 991 -14.24 -43.58 18.43
N TYR A 992 -13.51 -43.71 19.54
CA TYR A 992 -12.59 -42.65 19.91
C TYR A 992 -11.49 -42.50 18.88
N LEU A 993 -10.94 -43.61 18.39
CA LEU A 993 -9.89 -43.50 17.39
C LEU A 993 -10.39 -42.84 16.13
N VAL A 994 -11.56 -43.26 15.63
CA VAL A 994 -12.03 -42.71 14.36
C VAL A 994 -12.36 -41.24 14.50
N ILE A 995 -13.12 -40.88 15.54
CA ILE A 995 -13.50 -39.49 15.71
C ILE A 995 -12.26 -38.62 15.93
N SER A 996 -11.34 -39.09 16.78
CA SER A 996 -10.15 -38.30 17.07
C SER A 996 -9.27 -38.16 15.84
N ALA A 997 -9.13 -39.23 15.05
CA ALA A 997 -8.31 -39.17 13.86
C ALA A 997 -8.88 -38.16 12.87
N VAL A 998 -10.19 -38.23 12.62
CA VAL A 998 -10.78 -37.30 11.66
C VAL A 998 -10.70 -35.87 12.18
N LEU A 999 -11.01 -35.66 13.45
CA LEU A 999 -10.97 -34.31 14.02
C LEU A 999 -9.57 -33.72 13.97
N PHE A 1000 -8.57 -34.52 14.35
CA PHE A 1000 -7.21 -34.01 14.40
C PHE A 1000 -6.63 -33.87 13.00
N GLY A 1001 -7.07 -34.70 12.04
CA GLY A 1001 -6.71 -34.46 10.66
C GLY A 1001 -7.27 -33.14 10.15
N ALA A 1002 -8.53 -32.85 10.49
CA ALA A 1002 -9.11 -31.57 10.13
C ALA A 1002 -8.32 -30.43 10.74
N MET A 1003 -7.96 -30.55 12.01
CA MET A 1003 -7.19 -29.49 12.67
C MET A 1003 -5.81 -29.33 12.03
N ALA A 1004 -5.16 -30.44 11.71
CA ALA A 1004 -3.83 -30.37 11.11
C ALA A 1004 -3.89 -29.69 9.74
N VAL A 1005 -4.86 -30.07 8.91
CA VAL A 1005 -4.96 -29.44 7.60
C VAL A 1005 -5.30 -27.95 7.76
N GLY A 1006 -6.21 -27.63 8.68
CA GLY A 1006 -6.53 -26.23 8.91
C GLY A 1006 -5.31 -25.43 9.28
N GLU A 1007 -4.47 -25.98 10.15
CA GLU A 1007 -3.22 -25.31 10.50
C GLU A 1007 -2.31 -25.19 9.27
N ALA A 1008 -2.26 -26.24 8.46
CA ALA A 1008 -1.43 -26.23 7.26
C ALA A 1008 -2.17 -25.55 6.11
N ASN A 1014 -0.14 -17.83 -0.11
CA ASN A 1014 1.25 -17.53 -0.40
C ASN A 1014 1.75 -18.37 -1.57
N TYR A 1015 1.10 -19.51 -1.81
CA TYR A 1015 1.47 -20.33 -2.96
C TYR A 1015 1.22 -19.58 -4.26
N ALA A 1016 0.08 -18.88 -4.36
CA ALA A 1016 -0.20 -18.10 -5.56
C ALA A 1016 0.79 -16.95 -5.71
N LYS A 1017 1.15 -16.30 -4.59
CA LYS A 1017 2.16 -15.25 -4.65
C LYS A 1017 3.49 -15.80 -5.15
N ALA A 1018 3.88 -16.96 -4.64
CA ALA A 1018 5.12 -17.58 -5.09
C ALA A 1018 5.05 -17.92 -6.57
N LYS A 1019 3.91 -18.44 -7.02
CA LYS A 1019 3.75 -18.74 -8.44
C LYS A 1019 3.88 -17.49 -9.28
N MET A 1020 3.28 -16.38 -8.85
CA MET A 1020 3.36 -15.14 -9.60
C MET A 1020 4.80 -14.64 -9.67
N SER A 1021 5.51 -14.69 -8.54
CA SER A 1021 6.90 -14.28 -8.52
C SER A 1021 7.75 -15.15 -9.42
N ALA A 1022 7.52 -16.47 -9.39
CA ALA A 1022 8.27 -17.36 -10.25
C ALA A 1022 7.98 -17.11 -11.71
N SER A 1023 6.73 -16.81 -12.05
CA SER A 1023 6.39 -16.49 -13.42
C SER A 1023 7.12 -15.25 -13.90
N HIS A 1024 7.09 -14.20 -13.08
CA HIS A 1024 7.83 -12.98 -13.43
C HIS A 1024 9.32 -13.27 -13.57
N LEU A 1025 9.89 -14.03 -12.65
CA LEU A 1025 11.33 -14.31 -12.70
C LEU A 1025 11.67 -15.13 -13.94
N MET A 1026 10.82 -16.08 -14.31
CA MET A 1026 11.09 -16.88 -15.49
C MET A 1026 11.03 -16.05 -16.77
N MET A 1027 9.94 -15.29 -16.93
CA MET A 1027 9.85 -14.41 -18.08
C MET A 1027 10.99 -13.40 -18.11
N LEU A 1028 11.55 -13.10 -16.94
CA LEU A 1028 12.71 -12.22 -16.87
C LEU A 1028 13.98 -12.92 -17.33
N MET A 1029 14.32 -14.05 -16.70
CA MET A 1029 15.59 -14.70 -16.99
C MET A 1029 15.64 -15.14 -18.44
N ASN A 1030 14.51 -15.53 -19.02
CA ASN A 1030 14.42 -15.75 -20.46
C ASN A 1030 13.26 -14.91 -20.97
N ARG A 1031 13.55 -13.64 -21.23
CA ARG A 1031 12.56 -12.77 -21.87
C ARG A 1031 12.77 -12.78 -23.37
N GLU A 1032 13.90 -12.25 -23.80
CA GLU A 1032 14.32 -12.22 -25.20
C GLU A 1032 15.72 -11.62 -25.24
N PRO A 1033 16.57 -12.01 -26.18
CA PRO A 1033 17.83 -11.28 -26.39
C PRO A 1033 17.62 -10.08 -27.30
N ALA A 1034 16.70 -9.20 -26.91
CA ALA A 1034 16.28 -8.08 -27.74
C ALA A 1034 17.46 -7.44 -28.47
N ILE A 1035 18.43 -6.96 -27.71
CA ILE A 1035 19.69 -6.49 -28.25
C ILE A 1035 20.77 -7.32 -27.58
N ASP A 1036 21.19 -8.41 -28.21
CA ASP A 1036 22.18 -9.28 -27.62
C ASP A 1036 23.50 -8.54 -27.48
N ASN A 1037 23.85 -8.15 -26.26
CA ASN A 1037 25.09 -7.44 -25.97
C ASN A 1037 26.16 -8.36 -25.42
N LEU A 1038 25.79 -9.31 -24.57
CA LEU A 1038 26.76 -10.27 -24.05
C LEU A 1038 27.21 -11.26 -25.11
N SER A 1039 26.59 -11.27 -26.28
CA SER A 1039 26.99 -12.18 -27.34
C SER A 1039 28.40 -11.86 -27.79
N GLU A 1040 29.36 -12.69 -27.40
CA GLU A 1040 30.76 -12.48 -27.77
C GLU A 1040 31.09 -13.23 -29.07
N GLU A 1041 30.36 -12.84 -30.11
CA GLU A 1041 30.55 -13.38 -31.45
C GLU A 1041 31.02 -12.26 -32.38
N GLY A 1042 31.63 -12.65 -33.48
CA GLY A 1042 32.12 -11.69 -34.46
C GLY A 1042 33.63 -11.66 -34.54
N GLN A 1043 34.11 -11.03 -35.60
CA GLN A 1043 35.53 -10.97 -35.91
C GLN A 1043 36.04 -9.56 -35.63
N SER A 1044 37.23 -9.48 -35.06
CA SER A 1044 37.82 -8.20 -34.67
C SER A 1044 39.21 -8.05 -35.28
N PRO A 1045 39.37 -7.35 -36.41
CA PRO A 1045 40.71 -7.06 -36.89
C PRO A 1045 41.51 -6.28 -35.86
N ASP A 1046 42.81 -6.62 -35.79
CA ASP A 1046 43.66 -6.03 -34.76
C ASP A 1046 43.67 -4.51 -34.85
N LYS A 1047 43.62 -3.97 -36.06
CA LYS A 1047 43.68 -2.54 -36.29
C LYS A 1047 42.26 -2.00 -36.45
N PHE A 1048 41.99 -0.88 -35.79
CA PHE A 1048 40.73 -0.17 -35.95
C PHE A 1048 40.99 1.07 -36.80
N ASP A 1049 40.33 1.14 -37.94
CA ASP A 1049 40.66 2.16 -38.94
C ASP A 1049 40.21 3.56 -38.52
N GLY A 1050 39.37 3.68 -37.51
CA GLY A 1050 38.94 4.99 -37.05
C GLY A 1050 37.73 5.54 -37.75
N ASN A 1051 36.92 4.67 -38.38
CA ASN A 1051 35.72 5.11 -39.08
C ASN A 1051 34.54 5.11 -38.13
N VAL A 1052 33.83 6.22 -38.06
CA VAL A 1052 32.61 6.30 -37.28
C VAL A 1052 31.43 6.35 -38.24
N ARG A 1053 31.62 5.82 -39.45
CA ARG A 1053 30.55 5.77 -40.41
C ARG A 1053 29.38 4.97 -39.86
N PHE A 1054 28.17 5.43 -40.13
CA PHE A 1054 26.96 4.69 -39.84
C PHE A 1054 26.15 4.58 -41.12
N GLU A 1055 25.90 3.35 -41.56
CA GLU A 1055 25.22 3.08 -42.82
C GLU A 1055 23.91 2.36 -42.55
N GLY A 1056 22.85 2.84 -43.19
CA GLY A 1056 21.57 2.14 -43.21
C GLY A 1056 21.13 1.59 -41.88
N VAL A 1057 20.80 2.47 -40.93
CA VAL A 1057 20.33 2.07 -39.61
C VAL A 1057 19.12 2.93 -39.29
N LYS A 1058 17.92 2.40 -39.55
CA LYS A 1058 16.69 3.07 -39.13
C LYS A 1058 16.23 2.47 -37.81
N PHE A 1059 16.37 3.22 -36.73
CA PHE A 1059 15.90 2.78 -35.42
C PHE A 1059 15.27 3.98 -34.72
N ASN A 1060 14.80 3.74 -33.50
CA ASN A 1060 14.22 4.76 -32.64
C ASN A 1060 14.16 4.22 -31.22
N TYR A 1061 14.45 5.07 -30.25
CA TYR A 1061 14.47 4.62 -28.87
C TYR A 1061 13.06 4.27 -28.40
N PRO A 1062 12.89 3.18 -27.65
CA PRO A 1062 11.60 2.95 -27.01
C PRO A 1062 11.22 4.02 -26.00
N SER A 1063 12.20 4.77 -25.49
CA SER A 1063 11.88 5.87 -24.59
C SER A 1063 11.18 7.01 -25.32
N ARG A 1064 11.65 7.34 -26.52
CA ARG A 1064 11.09 8.45 -27.31
C ARG A 1064 10.84 7.98 -28.74
N PRO A 1065 9.96 6.99 -28.92
CA PRO A 1065 9.69 6.53 -30.29
C PRO A 1065 8.82 7.48 -31.08
N GLU A 1066 7.86 8.12 -30.42
CA GLU A 1066 6.99 9.07 -31.12
C GLU A 1066 7.80 10.24 -31.67
N VAL A 1067 8.62 10.84 -30.82
CA VAL A 1067 9.48 11.94 -31.29
C VAL A 1067 10.51 11.39 -32.26
N PRO A 1068 10.79 12.06 -33.39
CA PRO A 1068 11.81 11.54 -34.30
C PRO A 1068 13.17 11.46 -33.62
N ILE A 1069 13.66 10.24 -33.41
CA ILE A 1069 14.92 10.04 -32.71
C ILE A 1069 16.01 9.71 -33.72
N LEU A 1070 15.84 8.60 -34.44
CA LEU A 1070 16.87 8.11 -35.34
C LEU A 1070 16.26 7.75 -36.69
N ARG A 1071 17.06 7.96 -37.73
CA ARG A 1071 16.67 7.69 -39.11
C ARG A 1071 17.88 7.06 -39.78
N GLY A 1072 17.92 7.08 -41.11
CA GLY A 1072 19.02 6.45 -41.82
C GLY A 1072 20.31 7.21 -41.61
N LEU A 1073 20.82 7.12 -40.38
CA LEU A 1073 22.00 7.89 -39.99
C LEU A 1073 23.17 7.63 -40.93
N ASN A 1074 23.84 8.72 -41.31
CA ASN A 1074 24.97 8.67 -42.25
C ASN A 1074 26.07 9.60 -41.78
N LEU A 1075 26.35 9.63 -40.48
CA LEU A 1075 27.39 10.50 -39.96
C LEU A 1075 28.77 10.01 -40.39
N LYS A 1076 29.72 10.95 -40.47
CA LYS A 1076 31.07 10.64 -40.90
C LYS A 1076 32.06 11.17 -39.87
N VAL A 1077 32.96 10.30 -39.40
CA VAL A 1077 34.17 10.69 -38.70
C VAL A 1077 35.23 9.62 -38.93
N SER A 1078 36.43 10.04 -39.29
CA SER A 1078 37.54 9.13 -39.54
C SER A 1078 38.58 9.27 -38.43
N LYS A 1079 39.69 8.56 -38.59
CA LYS A 1079 40.75 8.59 -37.60
C LYS A 1079 41.45 9.95 -37.62
N GLY A 1080 41.86 10.40 -36.43
CA GLY A 1080 42.52 11.68 -36.31
C GLY A 1080 41.58 12.87 -36.24
N GLU A 1081 40.27 12.63 -36.14
CA GLU A 1081 39.29 13.71 -36.13
C GLU A 1081 39.12 14.27 -34.73
N THR A 1082 38.47 15.43 -34.66
CA THR A 1082 38.10 16.05 -33.40
C THR A 1082 36.70 16.65 -33.51
N LEU A 1083 35.78 15.93 -34.13
CA LEU A 1083 34.47 16.48 -34.44
C LEU A 1083 33.74 16.90 -33.16
N ALA A 1084 33.07 18.05 -33.25
CA ALA A 1084 32.21 18.55 -32.18
C ALA A 1084 30.78 18.57 -32.67
N LEU A 1085 29.85 18.74 -31.74
CA LEU A 1085 28.43 18.67 -32.06
C LEU A 1085 27.64 19.41 -30.99
N VAL A 1086 26.52 20.00 -31.40
CA VAL A 1086 25.55 20.60 -30.49
C VAL A 1086 24.15 20.28 -31.00
N GLY A 1087 23.29 19.82 -30.10
CA GLY A 1087 21.93 19.50 -30.46
C GLY A 1087 20.96 20.61 -30.08
N SER A 1088 20.37 21.26 -31.09
CA SER A 1088 19.45 22.36 -30.82
C SER A 1088 18.25 21.89 -30.02
N SER A 1089 17.73 20.70 -30.33
CA SER A 1089 16.52 20.17 -29.70
C SER A 1089 16.91 19.12 -28.68
N GLY A 1090 16.69 19.43 -27.40
CA GLY A 1090 16.81 18.45 -26.33
C GLY A 1090 18.08 17.63 -26.32
N CYS A 1091 19.24 18.29 -26.13
CA CYS A 1091 20.47 17.59 -25.82
C CYS A 1091 20.79 16.50 -26.84
N GLY A 1092 21.07 16.90 -28.08
CA GLY A 1092 21.33 15.97 -29.15
C GLY A 1092 22.33 14.87 -28.84
N LYS A 1093 23.11 15.00 -27.75
CA LYS A 1093 24.01 13.92 -27.37
C LYS A 1093 23.25 12.63 -27.12
N SER A 1094 21.98 12.73 -26.74
CA SER A 1094 21.16 11.57 -26.42
C SER A 1094 21.17 10.57 -27.57
N THR A 1095 21.45 11.05 -28.78
CA THR A 1095 21.38 10.21 -29.97
C THR A 1095 22.74 9.59 -30.31
N THR A 1096 23.73 10.43 -30.59
CA THR A 1096 24.91 9.97 -31.29
C THR A 1096 25.79 9.08 -30.42
N ILE A 1097 26.02 9.48 -29.18
CA ILE A 1097 26.90 8.70 -28.31
C ILE A 1097 26.23 7.39 -27.93
N GLN A 1098 24.95 7.44 -27.61
CA GLN A 1098 24.23 6.20 -27.27
C GLN A 1098 24.24 5.24 -28.44
N LEU A 1099 24.00 5.74 -29.66
CA LEU A 1099 24.02 4.87 -30.82
C LEU A 1099 25.42 4.31 -31.06
N LEU A 1100 26.42 5.19 -31.11
CA LEU A 1100 27.79 4.76 -31.40
C LEU A 1100 28.33 3.90 -30.26
N GLU A 1101 27.91 4.16 -29.03
CA GLU A 1101 28.36 3.33 -27.91
C GLU A 1101 27.81 1.91 -27.99
N ARG A 1102 27.08 1.59 -29.05
CA ARG A 1102 26.54 0.25 -29.25
C ARG A 1102 25.49 -0.06 -28.20
N PHE A 1103 25.02 0.98 -27.51
CA PHE A 1103 23.81 0.81 -26.69
C PHE A 1103 22.62 0.49 -27.57
N TYR A 1104 22.54 1.13 -28.73
CA TYR A 1104 21.46 0.87 -29.67
C TYR A 1104 22.01 0.68 -31.07
N LEU A 1113 28.36 0.30 -40.08
CA LEU A 1113 29.03 0.65 -38.82
C LEU A 1113 30.54 0.54 -38.99
N ASP A 1114 31.22 1.68 -38.98
CA ASP A 1114 32.66 1.73 -39.17
C ASP A 1114 33.07 0.85 -40.35
N GLY A 1115 32.22 0.77 -41.37
CA GLY A 1115 32.48 -0.04 -42.52
C GLY A 1115 32.09 -1.50 -42.39
N ILE A 1116 31.56 -1.91 -41.24
CA ILE A 1116 31.14 -3.29 -41.02
C ILE A 1116 29.74 -3.30 -40.43
N SER A 1117 29.03 -4.39 -40.67
CA SER A 1117 27.64 -4.50 -40.24
C SER A 1117 27.53 -4.31 -38.73
N ALA A 1118 26.36 -3.81 -38.30
CA ALA A 1118 26.17 -3.47 -36.91
C ALA A 1118 26.40 -4.67 -36.00
N LYS A 1119 25.54 -5.68 -36.12
CA LYS A 1119 25.58 -6.83 -35.22
C LYS A 1119 26.58 -7.90 -35.65
N GLN A 1120 27.11 -7.83 -36.87
CA GLN A 1120 28.15 -8.78 -37.25
C GLN A 1120 29.46 -8.49 -36.54
N LEU A 1121 29.71 -7.23 -36.23
CA LEU A 1121 30.97 -6.85 -35.61
C LEU A 1121 31.12 -7.52 -34.25
N ASN A 1122 32.37 -7.65 -33.82
CA ASN A 1122 32.68 -8.20 -32.50
C ASN A 1122 32.34 -7.15 -31.45
N ILE A 1123 31.15 -7.26 -30.87
CA ILE A 1123 30.68 -6.25 -29.92
C ILE A 1123 31.64 -6.13 -28.75
N HIS A 1124 32.23 -7.25 -28.32
CA HIS A 1124 33.23 -7.19 -27.26
C HIS A 1124 34.41 -6.33 -27.67
N TRP A 1125 34.89 -6.49 -28.91
CA TRP A 1125 36.02 -5.70 -29.38
C TRP A 1125 35.67 -4.22 -29.42
N LEU A 1126 34.49 -3.88 -29.97
CA LEU A 1126 34.10 -2.48 -30.05
C LEU A 1126 33.96 -1.87 -28.66
N ARG A 1127 33.36 -2.61 -27.73
CA ARG A 1127 33.20 -2.09 -26.38
C ARG A 1127 34.54 -1.95 -25.67
N SER A 1128 35.47 -2.86 -25.94
CA SER A 1128 36.79 -2.78 -25.31
C SER A 1128 37.59 -1.60 -25.86
N GLN A 1129 37.61 -1.43 -27.17
CA GLN A 1129 38.43 -0.42 -27.82
C GLN A 1129 37.59 0.84 -27.99
N ILE A 1130 37.47 1.62 -26.93
CA ILE A 1130 36.78 2.90 -26.97
C ILE A 1130 37.19 3.69 -25.73
N GLY A 1131 37.14 5.01 -25.82
CA GLY A 1131 37.42 5.85 -24.68
C GLY A 1131 36.20 6.62 -24.24
N ILE A 1132 35.03 5.96 -24.28
CA ILE A 1132 33.80 6.62 -23.88
C ILE A 1132 33.90 7.04 -22.43
N VAL A 1133 33.53 8.28 -22.14
CA VAL A 1133 33.50 8.81 -20.78
C VAL A 1133 32.05 9.02 -20.39
N SER A 1134 31.64 8.41 -19.28
CA SER A 1134 30.27 8.56 -18.80
C SER A 1134 30.04 9.98 -18.30
N GLN A 1135 28.78 10.41 -18.37
CA GLN A 1135 28.44 11.78 -18.01
C GLN A 1135 28.74 12.06 -16.55
N GLU A 1136 28.08 11.34 -15.65
CA GLU A 1136 28.27 11.52 -14.21
C GLU A 1136 29.19 10.42 -13.71
N PRO A 1137 30.41 10.73 -13.28
CA PRO A 1137 31.32 9.67 -12.84
C PRO A 1137 30.79 8.93 -11.62
N VAL A 1138 30.50 7.65 -11.79
CA VAL A 1138 30.03 6.79 -10.70
C VAL A 1138 31.16 5.84 -10.35
N LEU A 1139 31.58 5.85 -9.09
CA LEU A 1139 32.64 4.98 -8.61
C LEU A 1139 32.04 3.84 -7.78
N PHE A 1140 32.79 2.75 -7.69
CA PHE A 1140 32.29 1.52 -7.10
C PHE A 1140 32.79 1.35 -5.67
N ASP A 1141 31.95 0.71 -4.86
CA ASP A 1141 32.22 0.54 -3.44
C ASP A 1141 33.32 -0.50 -3.26
N CYS A 1142 34.56 -0.05 -3.45
CA CYS A 1142 35.73 -0.92 -3.33
C CYS A 1142 36.96 -0.02 -3.29
N THR A 1143 38.12 -0.64 -3.34
CA THR A 1143 39.37 0.09 -3.32
C THR A 1143 39.47 1.01 -4.53
N LEU A 1144 40.08 2.17 -4.33
CA LEU A 1144 40.47 3.01 -5.47
C LEU A 1144 41.30 2.22 -6.45
N ALA A 1145 42.14 1.31 -5.95
CA ALA A 1145 42.89 0.42 -6.84
C ALA A 1145 41.94 -0.46 -7.65
N GLU A 1146 40.90 -0.99 -7.01
CA GLU A 1146 39.93 -1.81 -7.74
C GLU A 1146 39.20 -0.98 -8.78
N ASN A 1147 38.81 0.25 -8.44
CA ASN A 1147 38.13 1.11 -9.40
C ASN A 1147 39.04 1.39 -10.58
N ILE A 1148 40.32 1.66 -10.33
CA ILE A 1148 41.26 1.88 -11.42
C ILE A 1148 41.37 0.65 -12.30
N ALA A 1149 41.52 -0.53 -11.68
CA ALA A 1149 41.63 -1.75 -12.45
C ALA A 1149 40.36 -2.07 -13.23
N TYR A 1150 39.22 -1.56 -12.79
CA TYR A 1150 37.95 -1.89 -13.43
C TYR A 1150 37.91 -1.59 -14.92
N GLY A 1151 38.62 -0.58 -15.40
CA GLY A 1151 38.51 -0.23 -16.80
C GLY A 1151 38.73 -1.43 -17.71
N ASP A 1152 39.49 -2.41 -17.23
CA ASP A 1152 39.76 -3.65 -17.92
C ASP A 1152 39.42 -4.80 -16.98
N ASN A 1153 38.72 -5.80 -17.51
CA ASN A 1153 38.37 -6.97 -16.74
C ASN A 1153 38.74 -8.27 -17.44
N SER A 1154 39.13 -8.23 -18.70
CA SER A 1154 39.64 -9.43 -19.37
C SER A 1154 41.00 -9.82 -18.80
N ARG A 1155 41.80 -8.83 -18.42
CA ARG A 1155 43.12 -9.06 -17.85
C ARG A 1155 43.21 -8.43 -16.47
N THR A 1156 43.99 -9.06 -15.60
CA THR A 1156 44.20 -8.55 -14.25
C THR A 1156 45.08 -7.30 -14.34
N VAL A 1157 45.38 -6.70 -13.19
CA VAL A 1157 46.04 -5.40 -13.14
C VAL A 1157 47.35 -5.53 -12.38
N THR A 1158 48.29 -4.66 -12.71
CA THR A 1158 49.56 -4.55 -12.02
C THR A 1158 49.73 -3.14 -11.50
N LEU A 1159 50.28 -3.03 -10.28
CA LEU A 1159 50.34 -1.72 -9.62
C LEU A 1159 51.14 -0.71 -10.45
N GLU A 1160 52.18 -1.17 -11.14
CA GLU A 1160 52.99 -0.26 -11.94
C GLU A 1160 52.13 0.43 -12.99
N GLU A 1161 51.31 -0.34 -13.70
CA GLU A 1161 50.43 0.24 -14.70
C GLU A 1161 49.36 1.12 -14.07
N ILE A 1162 48.81 0.72 -12.91
CA ILE A 1162 47.80 1.55 -12.26
C ILE A 1162 48.39 2.92 -11.96
N GLN A 1163 49.62 2.94 -11.42
CA GLN A 1163 50.28 4.21 -11.15
C GLN A 1163 50.51 4.99 -12.44
N ALA A 1164 50.92 4.31 -13.51
CA ALA A 1164 51.15 5.00 -14.78
C ALA A 1164 49.87 5.67 -15.25
N ALA A 1165 48.75 4.96 -15.21
CA ALA A 1165 47.48 5.52 -15.66
C ALA A 1165 47.04 6.68 -14.77
N ALA A 1166 47.17 6.51 -13.45
CA ALA A 1166 46.75 7.57 -12.53
C ALA A 1166 47.55 8.84 -12.74
N LYS A 1167 48.88 8.71 -12.84
CA LYS A 1167 49.71 9.87 -13.10
C LYS A 1167 49.36 10.50 -14.45
N ALA A 1168 49.21 9.66 -15.48
CA ALA A 1168 48.76 10.16 -16.76
C ALA A 1168 47.39 10.81 -16.64
N ALA A 1169 46.56 10.32 -15.73
CA ALA A 1169 45.26 10.92 -15.46
C ALA A 1169 45.36 12.13 -14.52
N ASN A 1170 46.55 12.41 -14.00
CA ASN A 1170 46.78 13.54 -13.09
C ASN A 1170 46.06 13.37 -11.76
N ILE A 1171 45.42 12.23 -11.53
CA ILE A 1171 44.75 12.00 -10.26
C ILE A 1171 45.75 11.70 -9.14
N HIS A 1172 46.96 11.25 -9.49
CA HIS A 1172 47.95 10.94 -8.46
C HIS A 1172 48.20 12.15 -7.57
N SER A 1173 48.06 13.36 -8.11
CA SER A 1173 48.32 14.55 -7.32
C SER A 1173 47.51 14.56 -6.04
N PHE A 1174 46.20 14.36 -6.15
CA PHE A 1174 45.36 14.36 -4.95
C PHE A 1174 45.48 13.05 -4.18
N ILE A 1175 45.63 11.93 -4.88
CA ILE A 1175 45.76 10.64 -4.19
C ILE A 1175 47.02 10.60 -3.33
N GLU A 1176 47.99 11.46 -3.61
CA GLU A 1176 49.25 11.42 -2.86
C GLU A 1176 49.02 11.57 -1.37
N ASN A 1177 47.93 12.19 -0.96
CA ASN A 1177 47.56 12.33 0.45
C ASN A 1177 46.29 11.51 0.68
N LEU A 1178 46.46 10.28 1.14
CA LEU A 1178 45.34 9.40 1.45
C LEU A 1178 45.81 8.35 2.44
N PRO A 1179 44.88 7.67 3.12
CA PRO A 1179 45.31 6.69 4.14
C PRO A 1179 46.31 5.67 3.62
N GLN A 1180 46.09 5.16 2.41
CA GLN A 1180 47.02 4.21 1.80
C GLN A 1180 47.29 4.49 0.33
N GLY A 1181 46.51 5.32 -0.33
CA GLY A 1181 46.70 5.61 -1.74
C GLY A 1181 45.74 4.83 -2.61
N TYR A 1182 46.26 4.20 -3.67
CA TYR A 1182 45.42 3.52 -4.65
C TYR A 1182 44.64 2.38 -4.02
N ASP A 1183 45.30 1.61 -3.16
CA ASP A 1183 44.66 0.46 -2.53
C ASP A 1183 43.65 0.85 -1.46
N THR A 1184 43.56 2.14 -1.13
CA THR A 1184 42.70 2.59 -0.05
C THR A 1184 41.28 2.06 -0.21
N GLN A 1185 40.77 1.43 0.84
CA GLN A 1185 39.34 1.18 0.92
C GLN A 1185 38.56 2.49 0.89
N ALA A 1186 39.15 3.57 1.41
CA ALA A 1186 38.49 4.86 1.51
C ALA A 1186 37.19 4.74 2.29
N GLY A 1187 37.35 4.36 3.57
CA GLY A 1187 36.21 4.11 4.44
C GLY A 1187 35.21 5.24 4.50
N ASP A 1188 35.54 6.41 3.97
CA ASP A 1188 34.57 7.49 3.88
C ASP A 1188 33.37 7.08 3.02
N LYS A 1189 33.65 6.43 1.88
CA LYS A 1189 32.62 6.00 0.95
C LYS A 1189 31.80 7.20 0.46
N GLY A 1190 32.49 8.13 -0.16
CA GLY A 1190 31.86 9.27 -0.79
C GLY A 1190 31.87 10.56 0.00
N THR A 1191 32.91 10.82 0.79
CA THR A 1191 33.05 12.10 1.49
C THR A 1191 34.31 12.84 1.08
N GLN A 1192 35.45 12.14 1.05
CA GLN A 1192 36.73 12.77 0.70
C GLN A 1192 37.00 12.62 -0.81
N LEU A 1193 36.10 13.18 -1.60
CA LEU A 1193 36.22 13.09 -3.05
C LEU A 1193 35.61 14.34 -3.68
N SER A 1194 36.39 15.02 -4.52
CA SER A 1194 35.90 16.18 -5.22
C SER A 1194 35.37 15.78 -6.59
N GLY A 1195 34.51 16.64 -7.14
CA GLY A 1195 34.01 16.38 -8.49
C GLY A 1195 35.13 16.25 -9.50
N GLY A 1196 36.13 17.13 -9.41
CA GLY A 1196 37.29 17.00 -10.27
C GLY A 1196 38.02 15.69 -10.04
N GLN A 1197 38.15 15.28 -8.78
CA GLN A 1197 38.78 14.00 -8.48
C GLN A 1197 37.97 12.86 -9.08
N LYS A 1198 36.65 12.93 -8.98
CA LYS A 1198 35.80 11.88 -9.55
C LYS A 1198 35.99 11.80 -11.06
N GLN A 1199 36.00 12.96 -11.73
CA GLN A 1199 36.21 12.95 -13.18
C GLN A 1199 37.58 12.40 -13.52
N ARG A 1200 38.60 12.76 -12.74
CA ARG A 1200 39.95 12.27 -13.01
C ARG A 1200 40.03 10.76 -12.87
N ILE A 1201 39.42 10.20 -11.83
CA ILE A 1201 39.43 8.76 -11.66
C ILE A 1201 38.64 8.09 -12.77
N ALA A 1202 37.54 8.72 -13.20
CA ALA A 1202 36.78 8.16 -14.31
C ALA A 1202 37.63 8.13 -15.57
N ILE A 1203 38.39 9.20 -15.82
CA ILE A 1203 39.26 9.23 -16.99
C ILE A 1203 40.34 8.18 -16.87
N ALA A 1204 40.91 8.01 -15.68
CA ALA A 1204 41.92 6.97 -15.49
C ALA A 1204 41.34 5.60 -15.79
N ARG A 1205 40.13 5.33 -15.30
CA ARG A 1205 39.45 4.08 -15.60
C ARG A 1205 39.25 3.91 -17.10
N ALA A 1206 38.85 4.99 -17.77
CA ALA A 1206 38.59 4.91 -19.21
C ALA A 1206 39.88 4.60 -19.98
N ILE A 1207 40.93 5.39 -19.75
CA ILE A 1207 42.17 5.24 -20.50
C ILE A 1207 42.99 4.06 -20.03
N LEU A 1208 42.57 3.36 -18.97
CA LEU A 1208 43.29 2.17 -18.57
C LEU A 1208 43.50 1.23 -19.75
N ARG A 1209 42.47 1.10 -20.60
CA ARG A 1209 42.62 0.33 -21.82
C ARG A 1209 43.61 0.95 -22.79
N ASN A 1210 44.03 2.19 -22.53
CA ASN A 1210 44.92 2.93 -23.43
C ASN A 1210 44.34 2.92 -24.84
N PRO A 1211 43.08 3.31 -25.01
CA PRO A 1211 42.47 3.25 -26.34
C PRO A 1211 43.03 4.30 -27.28
N LYS A 1212 42.69 4.18 -28.57
CA LYS A 1212 43.11 5.14 -29.60
C LYS A 1212 41.97 6.00 -30.08
N LEU A 1213 40.77 5.84 -29.52
CA LEU A 1213 39.62 6.66 -29.89
C LEU A 1213 38.84 6.97 -28.62
N LEU A 1214 38.83 8.23 -28.23
CA LEU A 1214 38.12 8.67 -27.04
C LEU A 1214 36.81 9.32 -27.44
N LEU A 1215 35.77 9.06 -26.64
CA LEU A 1215 34.45 9.63 -26.85
C LEU A 1215 33.97 10.23 -25.55
N LEU A 1216 33.29 11.37 -25.64
CA LEU A 1216 32.75 12.08 -24.48
C LEU A 1216 31.23 12.17 -24.59
N ASP A 1217 30.59 12.42 -23.45
CA ASP A 1217 29.14 12.56 -23.40
C ASP A 1217 28.77 13.75 -22.53
N GLU A 1218 29.45 14.87 -22.75
CA GLU A 1218 29.22 16.09 -21.95
C GLU A 1218 29.41 15.82 -20.47
N ALA A 1219 30.30 14.86 -20.15
CA ALA A 1219 30.60 14.57 -18.76
C ALA A 1219 31.26 15.75 -18.07
N THR A 1220 32.16 16.44 -18.77
CA THR A 1220 32.93 17.53 -18.19
C THR A 1220 32.01 18.73 -18.00
N SER A 1221 31.17 18.63 -16.98
CA SER A 1221 30.20 19.67 -16.65
C SER A 1221 29.85 19.52 -15.17
N ALA A 1222 28.94 20.38 -14.71
CA ALA A 1222 28.49 20.36 -13.32
C ALA A 1222 29.68 20.44 -12.37
N LEU A 1223 30.65 21.29 -12.71
CA LEU A 1223 31.82 21.48 -11.88
C LEU A 1223 32.24 22.95 -11.96
N ASP A 1224 33.06 23.34 -10.99
CA ASP A 1224 33.57 24.70 -10.98
C ASP A 1224 34.46 24.94 -12.20
N THR A 1225 34.62 26.23 -12.54
CA THR A 1225 35.41 26.58 -13.71
C THR A 1225 36.83 26.03 -13.61
N GLU A 1226 37.44 26.13 -12.43
CA GLU A 1226 38.79 25.59 -12.26
C GLU A 1226 38.80 24.07 -12.40
N SER A 1227 37.79 23.40 -11.84
CA SER A 1227 37.70 21.95 -11.98
C SER A 1227 37.54 21.56 -13.44
N GLU A 1228 36.70 22.30 -14.18
CA GLU A 1228 36.54 22.01 -15.60
C GLU A 1228 37.83 22.28 -16.36
N LYS A 1229 38.55 23.33 -16.00
CA LYS A 1229 39.83 23.61 -16.66
C LYS A 1229 40.84 22.50 -16.41
N VAL A 1230 40.90 22.01 -15.17
CA VAL A 1230 41.80 20.89 -14.87
C VAL A 1230 41.38 19.66 -15.66
N VAL A 1231 40.07 19.42 -15.74
CA VAL A 1231 39.56 18.27 -16.49
C VAL A 1231 39.99 18.36 -17.94
N GLN A 1232 39.81 19.54 -18.54
CA GLN A 1232 40.17 19.72 -19.95
C GLN A 1232 41.67 19.61 -20.14
N GLU A 1233 42.46 20.14 -19.22
CA GLU A 1233 43.91 20.00 -19.31
C GLU A 1233 44.32 18.53 -19.28
N ALA A 1234 43.74 17.77 -18.35
CA ALA A 1234 44.05 16.35 -18.27
C ALA A 1234 43.61 15.62 -19.54
N LEU A 1235 42.43 15.96 -20.06
CA LEU A 1235 41.94 15.30 -21.27
C LEU A 1235 42.83 15.62 -22.46
N ASP A 1236 43.26 16.87 -22.58
CA ASP A 1236 44.19 17.23 -23.65
C ASP A 1236 45.50 16.50 -23.51
N GLN A 1237 46.03 16.42 -22.29
CA GLN A 1237 47.26 15.67 -22.06
C GLN A 1237 47.09 14.23 -22.51
N ALA A 1238 45.98 13.61 -22.13
CA ALA A 1238 45.70 12.25 -22.55
C ALA A 1238 45.45 12.15 -24.05
N SER A 1239 45.10 13.26 -24.70
CA SER A 1239 44.86 13.28 -26.13
C SER A 1239 46.15 13.38 -26.93
N ARG A 1240 47.30 13.47 -26.26
CA ARG A 1240 48.59 13.55 -26.95
C ARG A 1240 48.75 12.33 -27.86
N GLY A 1241 48.77 12.57 -29.16
CA GLY A 1241 48.93 11.48 -30.12
C GLY A 1241 47.85 10.42 -30.02
N ARG A 1242 46.61 10.83 -29.79
CA ARG A 1242 45.51 9.89 -29.71
C ARG A 1242 44.24 10.56 -30.23
N THR A 1243 43.45 9.80 -30.99
CA THR A 1243 42.24 10.33 -31.60
C THR A 1243 41.12 10.46 -30.58
N CYS A 1244 40.30 11.48 -30.76
CA CYS A 1244 39.18 11.74 -29.86
C CYS A 1244 38.03 12.34 -30.67
N ILE A 1245 36.84 12.30 -30.08
CA ILE A 1245 35.66 12.96 -30.63
C ILE A 1245 35.08 13.81 -29.52
N VAL A 1246 35.18 15.14 -29.68
CA VAL A 1246 34.69 16.03 -28.64
C VAL A 1246 33.17 16.11 -28.71
N VAL A 1247 32.53 15.91 -27.56
CA VAL A 1247 31.07 15.97 -27.46
C VAL A 1247 30.73 16.89 -26.30
N ALA A 1248 31.65 17.79 -25.97
CA ALA A 1248 31.51 18.64 -24.79
C ALA A 1248 30.34 19.60 -24.96
N HIS A 1249 30.11 20.40 -23.93
CA HIS A 1249 28.99 21.32 -23.89
C HIS A 1249 29.38 22.79 -23.90
N ARG A 1250 30.65 23.12 -23.66
CA ARG A 1250 31.09 24.50 -23.59
C ARG A 1250 32.21 24.75 -24.57
N LEU A 1251 32.29 25.99 -25.04
CA LEU A 1251 33.31 26.37 -26.01
C LEU A 1251 34.71 26.19 -25.43
N SER A 1252 34.85 26.27 -24.11
CA SER A 1252 36.18 26.09 -23.51
C SER A 1252 36.80 24.78 -23.96
N THR A 1253 36.04 23.69 -23.89
CA THR A 1253 36.54 22.40 -24.37
C THR A 1253 36.65 22.38 -25.88
N ILE A 1254 35.67 22.96 -26.58
CA ILE A 1254 35.58 22.86 -28.02
C ILE A 1254 36.65 23.72 -28.69
N GLN A 1255 37.41 24.48 -27.88
CA GLN A 1255 38.49 25.29 -28.42
C GLN A 1255 39.45 24.42 -29.23
N ASN A 1256 39.90 23.32 -28.64
CA ASN A 1256 40.75 22.36 -29.33
C ASN A 1256 39.87 21.38 -30.12
N ALA A 1257 39.26 21.91 -31.17
CA ALA A 1257 38.36 21.15 -32.03
C ALA A 1257 38.72 21.41 -33.48
N ASP A 1258 38.25 20.51 -34.35
CA ASP A 1258 38.49 20.60 -35.79
C ASP A 1258 37.23 20.96 -36.56
N ARG A 1259 36.12 20.28 -36.31
CA ARG A 1259 34.86 20.60 -36.97
C ARG A 1259 33.71 20.42 -35.99
N ILE A 1260 32.66 21.19 -36.21
CA ILE A 1260 31.45 21.14 -35.39
C ILE A 1260 30.31 20.67 -36.29
N ALA A 1261 29.30 20.05 -35.68
CA ALA A 1261 28.20 19.46 -36.42
C ALA A 1261 26.90 19.65 -35.66
N VAL A 1262 25.80 19.31 -36.32
CA VAL A 1262 24.47 19.28 -35.73
C VAL A 1262 23.77 18.03 -36.25
N PHE A 1263 22.84 17.51 -35.44
CA PHE A 1263 22.07 16.32 -35.79
C PHE A 1263 20.61 16.54 -35.40
N GLN A 1264 19.70 16.25 -36.32
CA GLN A 1264 18.27 16.38 -36.08
C GLN A 1264 17.56 15.14 -36.61
N ALA A 1265 16.86 14.44 -35.71
CA ALA A 1265 16.16 13.21 -36.07
C ALA A 1265 17.13 12.16 -36.62
N GLY A 1266 18.33 12.11 -36.07
CA GLY A 1266 19.30 11.11 -36.47
C GLY A 1266 19.73 11.21 -37.92
N VAL A 1267 19.98 12.42 -38.40
CA VAL A 1267 20.49 12.64 -39.74
C VAL A 1267 21.48 13.80 -39.71
N VAL A 1268 22.50 13.70 -40.56
CA VAL A 1268 23.54 14.72 -40.61
C VAL A 1268 22.94 16.06 -41.00
N VAL A 1269 23.34 17.12 -40.30
CA VAL A 1269 22.86 18.47 -40.59
C VAL A 1269 23.86 19.50 -40.07
N GLU A 1270 24.01 20.59 -40.81
CA GLU A 1270 24.82 21.74 -40.41
C GLU A 1270 26.24 21.33 -40.04
N GLN A 1271 26.84 20.44 -40.83
CA GLN A 1271 28.24 20.12 -40.67
C GLN A 1271 29.09 21.27 -41.20
N GLY A 1272 30.15 21.60 -40.48
CA GLY A 1272 31.01 22.68 -40.94
C GLY A 1272 32.31 22.72 -40.17
N THR A 1273 33.17 23.63 -40.62
CA THR A 1273 34.42 23.90 -39.92
C THR A 1273 34.15 24.64 -38.61
N HIS A 1274 35.11 24.53 -37.68
CA HIS A 1274 34.92 25.07 -36.34
C HIS A 1274 34.55 26.54 -36.37
N GLN A 1275 35.19 27.32 -37.26
CA GLN A 1275 34.99 28.76 -37.27
C GLN A 1275 33.62 29.11 -37.79
N GLN A 1276 33.21 28.43 -38.86
CA GLN A 1276 31.85 28.62 -39.37
C GLN A 1276 30.76 28.33 -38.33
N LEU A 1277 30.74 27.14 -37.72
CA LEU A 1277 29.69 26.88 -36.74
C LEU A 1277 29.87 27.72 -35.48
N LEU A 1278 31.10 28.14 -35.18
CA LEU A 1278 31.35 29.08 -34.09
C LEU A 1278 30.66 30.41 -34.36
N ALA A 1279 30.75 30.90 -35.60
CA ALA A 1279 29.97 32.07 -35.99
C ALA A 1279 28.48 31.79 -35.86
N LYS A 1280 28.06 30.58 -36.22
CA LYS A 1280 26.65 30.23 -36.07
C LYS A 1280 26.20 30.38 -34.62
N LYS A 1281 26.91 29.76 -33.69
CA LYS A 1281 26.55 29.82 -32.27
C LYS A 1281 27.20 31.05 -31.63
N GLY A 1282 26.66 32.21 -31.97
CA GLY A 1282 27.17 33.45 -31.40
C GLY A 1282 27.06 33.47 -29.89
N ILE A 1283 25.94 33.02 -29.35
CA ILE A 1283 25.74 32.95 -27.91
C ILE A 1283 25.92 34.35 -27.30
#